data_4PDW
#
_entry.id   4PDW
#
_cell.length_a   439.411
_cell.length_b   439.411
_cell.length_c   439.411
_cell.angle_alpha   90.00
_cell.angle_beta   90.00
_cell.angle_gamma   90.00
#
_symmetry.space_group_name_H-M   'P 21 3'
#
loop_
_entity.id
_entity.type
_entity.pdbx_description
1 polymer 'Genome polyprotein'
2 polymer 'Genome polyprotein'
3 polymer 'Genome polyprotein'
4 polymer 'Capsid protein VP4/VP2'
5 non-polymer GLYCEROL
6 non-polymer 4-[(4,5-dimethoxy-2-nitrophenyl)acetyl]benzonitrile
7 water water
#
loop_
_entity_poly.entity_id
_entity_poly.type
_entity_poly.pdbx_seq_one_letter_code
_entity_poly.pdbx_strand_id
1 'polypeptide(L)'
;GLGDELEEVIVEKTKQTVASISSGPKHTQKVPILTANETGATMPVLPSDSIETRTTYMHFNGSETDVECFLGRAACVHVT
EIQNKDATGIDNHREAKLFNDWKINLSSLVQLRKKLELFTYVRFDSEYTILATASQPDSANYSSNLVVQAMYVPPGAPNP
KEWDDYTWQSASNPSVFFKVGDTSRFSVPYVGLASAYNCFYDGYSHDDAETQYGITVLNHMGSMAFRIVNEHDEHKTLVK
IRVYHRAKHVEAWIPRAPRALPYTSIGRTNYPKNTEPVIKKRKGDIKSY
;
A
2 'polypeptide(L)'
;SPNVEACGYSDRVQQITLGNSTITTQEAANAVVCYAEWPEYLPDVDASDVNKTSKPDTSVCRFYTLDSKTWTTGSKGWCW
KLPDALKDMGVFGQNMFFHSLGRSGYTVHVQCNATKFHSGCLLVVVIPEHQLASHEGGNVSVKYTFTHPGERGIDLSSAN
EVGGPVKDVIYNMNGTLLGNLLIFPHQFINLRTNNTATIVIPYINSVPIDSMTRHNNVSLMVIPIAPLTVPTGATPSLPI
TVTIAPMCTEFSGIRSKSIVPQ
;
B
3 'polypeptide(L)'
;GLPTTTLPGSGQFLTTDDRQSPSALPNYEPTPRIHIPGKVHNLLEIIQVDTLIPMNNTHTKDEVNSYLIPLNANRQNEQV
FGTNLFIGDGVFKTTLLGEIVQYYTHWSGSLRFSLMYTGPALSSAKLILAYTPPGARGPQDRREAMLGTHVVWDIGLQST
IVMTIPWTSGVQFRYTDPDTYTSAGFLSCWYQTSLILPPETTGQVYLLSFISACPDFKLRLMKDTQTISQTVALTE
;
C
4 'polypeptide(L)' GAQVSTQKSGSHENQNILTNGSNQTFTVINYYKDAASTSSAGQSLSMDPSKFTEPVKDLMLKGAPALN D
#
# COMPACT_ATOMS: atom_id res chain seq x y z
N GLN A 16 -19.49 4.16 26.80
CA GLN A 16 -19.79 3.20 25.68
C GLN A 16 -18.71 2.12 25.55
N THR A 17 -17.83 2.22 24.56
CA THR A 17 -16.76 1.23 24.33
C THR A 17 -15.60 1.30 25.31
N VAL A 18 -15.09 0.15 25.76
CA VAL A 18 -13.97 0.17 26.70
C VAL A 18 -12.65 0.19 25.93
N ALA A 19 -11.73 1.03 26.39
CA ALA A 19 -10.42 1.14 25.77
C ALA A 19 -9.47 0.13 26.39
N SER A 20 -9.69 -0.15 27.67
CA SER A 20 -8.88 -1.13 28.37
C SER A 20 -9.70 -1.67 29.53
N ILE A 21 -9.67 -2.98 29.69
CA ILE A 21 -10.41 -3.62 30.77
C ILE A 21 -9.50 -3.67 31.96
N SER A 22 -10.07 -3.94 33.12
CA SER A 22 -9.27 -4.05 34.31
C SER A 22 -8.64 -5.45 34.33
N SER A 23 -7.31 -5.53 34.40
CA SER A 23 -6.60 -6.81 34.43
C SER A 23 -5.57 -6.81 35.56
N GLY A 24 -5.51 -7.90 36.31
CA GLY A 24 -4.58 -8.00 37.41
C GLY A 24 -3.40 -8.93 37.19
N PRO A 25 -2.75 -9.40 38.27
CA PRO A 25 -1.60 -10.30 38.22
C PRO A 25 -1.88 -11.48 37.32
N LYS A 26 -0.82 -12.14 36.87
CA LYS A 26 -0.96 -13.23 35.95
C LYS A 26 0.13 -14.30 36.18
N HIS A 27 -0.27 -15.57 36.09
CA HIS A 27 0.65 -16.70 36.25
C HIS A 27 -0.04 -17.91 35.66
N THR A 28 0.11 -18.11 34.37
CA THR A 28 -0.56 -19.20 33.65
C THR A 28 0.27 -19.79 32.55
N GLN A 29 -0.31 -20.79 31.89
CA GLN A 29 0.36 -21.44 30.77
C GLN A 29 -0.17 -20.82 29.49
N LYS A 30 -1.09 -19.86 29.63
CA LYS A 30 -1.63 -19.16 28.47
C LYS A 30 -0.80 -17.91 28.26
N VAL A 31 0.19 -18.00 27.39
CA VAL A 31 1.06 -16.88 27.11
C VAL A 31 0.64 -16.11 25.86
N PRO A 32 -0.21 -15.09 26.02
CA PRO A 32 -0.68 -14.29 24.89
C PRO A 32 0.39 -13.49 24.16
N ILE A 33 1.50 -13.17 24.84
CA ILE A 33 2.53 -12.36 24.19
C ILE A 33 3.63 -13.14 23.45
N LEU A 34 3.45 -14.45 23.33
CA LEU A 34 4.41 -15.29 22.60
C LEU A 34 3.71 -15.75 21.34
N THR A 35 4.15 -15.24 20.20
CA THR A 35 3.54 -15.60 18.94
C THR A 35 4.58 -16.04 17.90
N ALA A 36 4.19 -16.12 16.64
CA ALA A 36 5.10 -16.51 15.56
C ALA A 36 4.75 -15.71 14.31
N ASN A 37 5.31 -14.51 14.21
CA ASN A 37 5.05 -13.63 13.09
C ASN A 37 5.33 -14.21 11.71
N GLU A 38 5.88 -15.42 11.62
CA GLU A 38 6.11 -15.95 10.30
C GLU A 38 4.84 -16.52 9.73
N THR A 39 3.79 -16.58 10.56
CA THR A 39 2.50 -17.09 10.11
C THR A 39 1.89 -16.04 9.19
N GLY A 40 2.32 -14.79 9.38
CA GLY A 40 1.81 -13.71 8.55
C GLY A 40 0.70 -12.95 9.25
N ALA A 41 0.43 -13.30 10.50
CA ALA A 41 -0.62 -12.64 11.25
C ALA A 41 -0.10 -11.69 12.33
N THR A 42 -0.93 -10.70 12.66
CA THR A 42 -0.60 -9.73 13.69
C THR A 42 -1.58 -9.95 14.83
N MET A 43 -1.28 -10.91 15.71
CA MET A 43 -2.14 -11.22 16.84
C MET A 43 -2.52 -9.96 17.62
N PRO A 44 -3.83 -9.74 17.85
CA PRO A 44 -4.37 -8.59 18.56
C PRO A 44 -4.04 -8.54 20.05
N VAL A 45 -2.75 -8.43 20.37
CA VAL A 45 -2.31 -8.36 21.77
C VAL A 45 -2.63 -6.99 22.34
N LEU A 46 -3.04 -6.96 23.61
CA LEU A 46 -3.40 -5.71 24.28
C LEU A 46 -2.54 -5.45 25.49
N PRO A 47 -2.54 -4.18 25.97
CA PRO A 47 -1.73 -3.86 27.15
C PRO A 47 -2.14 -4.75 28.33
N SER A 48 -3.42 -5.06 28.41
CA SER A 48 -3.94 -5.89 29.49
C SER A 48 -3.39 -7.32 29.40
N ASP A 49 -2.63 -7.63 28.36
CA ASP A 49 -2.06 -8.97 28.21
C ASP A 49 -0.64 -9.05 28.78
N SER A 50 -0.03 -7.90 29.06
CA SER A 50 1.33 -7.89 29.58
C SER A 50 1.58 -6.99 30.78
N ILE A 51 0.57 -6.24 31.22
CA ILE A 51 0.70 -5.39 32.40
C ILE A 51 -0.64 -5.31 33.12
N GLU A 52 -0.62 -4.90 34.39
CA GLU A 52 -1.87 -4.77 35.13
C GLU A 52 -2.50 -3.44 34.73
N THR A 53 -3.74 -3.51 34.27
CA THR A 53 -4.46 -2.33 33.80
C THR A 53 -5.72 -2.02 34.59
N ARG A 54 -6.21 -0.79 34.40
CA ARG A 54 -7.44 -0.33 35.05
C ARG A 54 -8.44 -0.16 33.90
N THR A 55 -9.69 0.12 34.24
CA THR A 55 -10.69 0.30 33.20
C THR A 55 -10.66 1.72 32.66
N THR A 56 -10.79 1.86 31.35
CA THR A 56 -10.83 3.17 30.68
C THR A 56 -11.73 2.99 29.47
N TYR A 57 -12.30 4.10 29.00
CA TYR A 57 -13.18 4.05 27.84
C TYR A 57 -12.61 4.77 26.63
N MET A 58 -13.11 4.44 25.45
CA MET A 58 -12.64 5.05 24.23
C MET A 58 -13.03 6.50 24.05
N HIS A 59 -14.32 6.80 24.16
CA HIS A 59 -14.78 8.18 23.95
C HIS A 59 -14.27 8.56 22.58
N PHE A 60 -14.24 7.60 21.65
CA PHE A 60 -13.71 7.84 20.31
C PHE A 60 -14.27 6.82 19.33
N ASN A 61 -14.68 7.28 18.15
CA ASN A 61 -15.24 6.39 17.12
C ASN A 61 -14.33 6.21 15.92
N GLY A 62 -13.41 7.14 15.74
CA GLY A 62 -12.48 7.06 14.61
C GLY A 62 -13.17 7.50 13.34
N SER A 63 -14.04 8.47 13.45
CA SER A 63 -14.77 8.95 12.29
C SER A 63 -13.87 9.72 11.31
N GLU A 64 -12.87 10.39 11.85
CA GLU A 64 -11.98 11.18 11.00
C GLU A 64 -10.98 10.36 10.19
N THR A 65 -10.86 9.07 10.49
CA THR A 65 -9.94 8.21 9.74
C THR A 65 -10.69 7.28 8.78
N ASP A 66 -11.97 7.57 8.57
CA ASP A 66 -12.76 6.77 7.64
C ASP A 66 -12.32 7.16 6.24
N VAL A 67 -12.15 6.20 5.34
CA VAL A 67 -11.71 6.51 3.99
C VAL A 67 -12.56 7.60 3.33
N GLU A 68 -13.83 7.68 3.70
CA GLU A 68 -14.73 8.68 3.15
C GLU A 68 -14.23 10.07 3.53
N CYS A 69 -13.66 10.17 4.73
CA CYS A 69 -13.16 11.43 5.24
C CYS A 69 -11.75 11.72 4.71
N PHE A 70 -10.93 10.67 4.67
CA PHE A 70 -9.55 10.75 4.22
C PHE A 70 -9.42 11.30 2.80
N LEU A 71 -10.24 10.82 1.88
CA LEU A 71 -10.19 11.28 0.50
C LEU A 71 -11.30 12.30 0.25
N GLY A 72 -12.10 12.56 1.28
CA GLY A 72 -13.23 13.46 1.15
C GLY A 72 -13.05 14.97 1.16
N ARG A 73 -11.82 15.46 0.98
CA ARG A 73 -11.64 16.91 0.96
C ARG A 73 -10.90 17.35 -0.30
N ALA A 74 -11.20 18.57 -0.74
CA ALA A 74 -10.62 19.15 -1.94
C ALA A 74 -9.10 19.29 -1.90
N ALA A 75 -8.46 18.82 -2.96
CA ALA A 75 -7.01 18.89 -3.11
C ALA A 75 -6.75 19.41 -4.52
N CYS A 76 -5.75 20.28 -4.69
CA CYS A 76 -5.46 20.78 -6.02
C CYS A 76 -4.85 19.65 -6.86
N VAL A 77 -5.41 19.42 -8.04
CA VAL A 77 -4.92 18.34 -8.89
C VAL A 77 -4.32 18.82 -10.22
N HIS A 78 -4.42 20.12 -10.49
CA HIS A 78 -3.88 20.68 -11.72
C HIS A 78 -3.90 22.20 -11.78
N VAL A 79 -2.86 22.76 -12.38
CA VAL A 79 -2.76 24.21 -12.56
C VAL A 79 -2.39 24.37 -14.02
N THR A 80 -3.05 25.29 -14.71
CA THR A 80 -2.78 25.51 -16.11
C THR A 80 -2.95 27.00 -16.39
N GLU A 81 -2.66 27.41 -17.62
CA GLU A 81 -2.77 28.82 -17.96
C GLU A 81 -3.32 29.08 -19.35
N ILE A 82 -4.09 30.15 -19.46
CA ILE A 82 -4.67 30.57 -20.74
C ILE A 82 -4.56 32.08 -20.71
N GLN A 83 -4.70 32.72 -21.88
CA GLN A 83 -4.63 34.17 -21.90
C GLN A 83 -5.48 34.84 -22.94
N ASN A 84 -5.89 36.06 -22.62
CA ASN A 84 -6.72 36.86 -23.48
C ASN A 84 -5.82 37.90 -24.14
N LYS A 85 -5.72 37.82 -25.47
CA LYS A 85 -4.89 38.74 -26.23
C LYS A 85 -5.30 38.65 -27.69
N ASP A 86 -4.80 39.57 -28.50
CA ASP A 86 -5.12 39.60 -29.93
C ASP A 86 -4.70 38.28 -30.58
N ALA A 87 -5.61 37.64 -31.29
CA ALA A 87 -5.32 36.36 -31.93
C ALA A 87 -4.84 36.52 -33.38
N THR A 88 -4.84 37.77 -33.86
CA THR A 88 -4.42 38.08 -35.22
C THR A 88 -3.00 37.58 -35.51
N GLY A 89 -2.87 36.80 -36.57
CA GLY A 89 -1.56 36.29 -36.94
C GLY A 89 -1.15 34.99 -36.27
N ILE A 90 -1.64 34.73 -35.06
CA ILE A 90 -1.30 33.51 -34.34
C ILE A 90 -1.73 32.29 -35.16
N ASP A 91 -0.78 31.40 -35.47
CA ASP A 91 -1.07 30.20 -36.25
C ASP A 91 -1.55 29.06 -35.37
N ASN A 92 -0.83 28.85 -34.28
CA ASN A 92 -1.16 27.78 -33.34
C ASN A 92 -1.79 28.41 -32.09
N HIS A 93 -3.12 28.42 -32.03
CA HIS A 93 -3.82 29.00 -30.89
C HIS A 93 -3.50 28.30 -29.59
N ARG A 94 -3.44 26.98 -29.66
CA ARG A 94 -3.14 26.14 -28.51
C ARG A 94 -1.80 26.52 -27.86
N GLU A 95 -0.78 26.71 -28.70
CA GLU A 95 0.55 27.08 -28.24
C GLU A 95 0.58 28.49 -27.66
N ALA A 96 -0.13 29.41 -28.32
CA ALA A 96 -0.19 30.79 -27.87
C ALA A 96 -0.99 30.88 -26.59
N LYS A 97 -1.63 29.77 -26.23
CA LYS A 97 -2.45 29.68 -25.04
C LYS A 97 -3.70 30.54 -25.11
N LEU A 98 -4.21 30.73 -26.32
CA LEU A 98 -5.43 31.47 -26.52
C LEU A 98 -6.51 30.62 -25.88
N PHE A 99 -6.17 29.34 -25.72
CA PHE A 99 -7.02 28.34 -25.08
C PHE A 99 -6.06 27.23 -24.66
N ASN A 100 -6.44 26.40 -23.69
CA ASN A 100 -5.52 25.35 -23.26
C ASN A 100 -6.19 24.02 -22.94
N ASP A 101 -5.36 22.99 -22.75
CA ASP A 101 -5.80 21.64 -22.46
C ASP A 101 -5.34 21.08 -21.14
N TRP A 102 -6.07 20.08 -20.69
CA TRP A 102 -5.73 19.35 -19.48
C TRP A 102 -6.15 17.93 -19.72
N LYS A 103 -5.18 17.04 -19.91
CA LYS A 103 -5.49 15.63 -20.12
C LYS A 103 -5.78 15.12 -18.70
N ILE A 104 -7.06 15.10 -18.36
CA ILE A 104 -7.52 14.69 -17.02
C ILE A 104 -6.74 13.52 -16.45
N ASN A 105 -6.27 13.70 -15.23
CA ASN A 105 -5.51 12.69 -14.51
C ASN A 105 -5.36 13.22 -13.08
N LEU A 106 -5.18 12.33 -12.10
CA LEU A 106 -5.05 12.76 -10.72
C LEU A 106 -3.66 12.52 -10.11
N SER A 107 -2.69 12.12 -10.94
CA SER A 107 -1.34 11.86 -10.44
C SER A 107 -0.28 12.87 -10.91
N SER A 108 -0.70 14.10 -11.19
CA SER A 108 0.23 15.14 -11.62
C SER A 108 0.82 15.85 -10.41
N LEU A 109 -0.04 16.13 -9.42
CA LEU A 109 0.39 16.79 -8.19
C LEU A 109 0.43 15.70 -7.12
N VAL A 110 1.60 15.52 -6.54
CA VAL A 110 1.84 14.46 -5.56
C VAL A 110 1.07 14.35 -4.26
N GLN A 111 0.62 15.45 -3.66
CA GLN A 111 -0.08 15.32 -2.39
C GLN A 111 -1.28 14.37 -2.43
N LEU A 112 -2.27 14.66 -3.27
CA LEU A 112 -3.44 13.78 -3.35
C LEU A 112 -3.04 12.42 -3.89
N ARG A 113 -2.11 12.39 -4.82
CA ARG A 113 -1.67 11.12 -5.40
C ARG A 113 -1.20 10.12 -4.35
N LYS A 114 -0.35 10.55 -3.42
CA LYS A 114 0.13 9.62 -2.42
C LYS A 114 -1.00 9.03 -1.60
N LYS A 115 -2.02 9.85 -1.30
CA LYS A 115 -3.15 9.36 -0.53
C LYS A 115 -3.91 8.28 -1.31
N LEU A 116 -4.29 8.59 -2.54
CA LEU A 116 -5.00 7.64 -3.36
C LEU A 116 -4.21 6.33 -3.50
N GLU A 117 -2.90 6.45 -3.65
CA GLU A 117 -2.04 5.28 -3.83
C GLU A 117 -1.75 4.52 -2.54
N LEU A 118 -2.59 4.73 -1.54
CA LEU A 118 -2.45 4.04 -0.27
C LEU A 118 -3.26 2.76 -0.47
N PHE A 119 -4.04 2.77 -1.56
CA PHE A 119 -4.92 1.67 -1.94
C PHE A 119 -4.63 1.22 -3.39
N THR A 120 -5.11 0.04 -3.75
CA THR A 120 -4.91 -0.46 -5.11
C THR A 120 -6.09 -0.08 -5.99
N TYR A 121 -7.30 -0.38 -5.54
CA TYR A 121 -8.50 -0.05 -6.30
C TYR A 121 -9.27 0.99 -5.51
N VAL A 122 -9.90 1.92 -6.23
CA VAL A 122 -10.64 2.98 -5.58
C VAL A 122 -11.85 3.39 -6.39
N ARG A 123 -12.99 3.54 -5.73
CA ARG A 123 -14.22 3.94 -6.39
C ARG A 123 -14.91 5.09 -5.65
N PHE A 124 -15.30 6.12 -6.40
CA PHE A 124 -15.96 7.29 -5.81
C PHE A 124 -16.48 8.28 -6.84
N ASP A 125 -17.32 9.21 -6.38
CA ASP A 125 -17.83 10.26 -7.25
C ASP A 125 -16.87 11.40 -7.00
N SER A 126 -16.75 12.33 -7.94
CA SER A 126 -15.82 13.43 -7.78
C SER A 126 -16.53 14.78 -7.80
N GLU A 127 -16.09 15.67 -6.92
CA GLU A 127 -16.63 17.03 -6.84
C GLU A 127 -15.50 17.97 -7.19
N TYR A 128 -15.61 18.62 -8.35
CA TYR A 128 -14.59 19.55 -8.79
C TYR A 128 -14.90 20.99 -8.43
N THR A 129 -13.85 21.76 -8.20
CA THR A 129 -13.97 23.17 -7.89
C THR A 129 -12.85 23.79 -8.71
N ILE A 130 -13.19 24.66 -9.66
CA ILE A 130 -12.20 25.29 -10.51
C ILE A 130 -12.08 26.78 -10.21
N LEU A 131 -10.87 27.20 -9.85
CA LEU A 131 -10.60 28.59 -9.54
C LEU A 131 -9.77 29.24 -10.65
N ALA A 132 -10.19 30.42 -11.08
CA ALA A 132 -9.49 31.15 -12.14
C ALA A 132 -9.09 32.52 -11.61
N THR A 133 -7.80 32.83 -11.71
CA THR A 133 -7.29 34.11 -11.23
C THR A 133 -6.60 34.88 -12.35
N ALA A 134 -6.92 36.17 -12.45
CA ALA A 134 -6.36 37.03 -13.48
C ALA A 134 -5.05 37.65 -13.05
N SER A 135 -4.29 38.12 -14.04
CA SER A 135 -2.99 38.75 -13.81
C SER A 135 -2.65 39.58 -15.04
N GLN A 136 -2.20 40.81 -14.84
CA GLN A 136 -1.80 41.68 -15.94
C GLN A 136 -0.40 42.20 -15.66
N PRO A 137 0.63 41.38 -15.98
CA PRO A 137 2.05 41.67 -15.77
C PRO A 137 2.56 42.94 -16.45
N ASP A 138 2.05 43.22 -17.65
CA ASP A 138 2.46 44.41 -18.39
C ASP A 138 1.54 45.57 -18.12
N SER A 139 1.76 46.69 -18.80
CA SER A 139 0.94 47.85 -18.60
C SER A 139 -0.51 47.61 -19.02
N ALA A 140 -1.45 47.97 -18.14
CA ALA A 140 -2.88 47.82 -18.40
C ALA A 140 -3.60 48.95 -17.68
N ASN A 141 -4.70 49.44 -18.26
CA ASN A 141 -5.44 50.55 -17.63
C ASN A 141 -6.49 50.12 -16.63
N TYR A 142 -6.91 48.86 -16.75
CA TYR A 142 -7.94 48.30 -15.88
C TYR A 142 -7.84 46.78 -15.86
N SER A 143 -8.62 46.15 -14.99
CA SER A 143 -8.65 44.70 -14.90
C SER A 143 -9.90 44.29 -15.66
N SER A 144 -9.72 43.53 -16.71
CA SER A 144 -10.84 43.10 -17.54
C SER A 144 -11.77 42.15 -16.77
N ASN A 145 -13.04 42.09 -17.17
CA ASN A 145 -14.02 41.20 -16.54
C ASN A 145 -14.21 40.05 -17.50
N LEU A 146 -13.33 39.07 -17.40
CA LEU A 146 -13.36 37.93 -18.29
C LEU A 146 -14.21 36.75 -17.79
N VAL A 147 -14.78 36.05 -18.76
CA VAL A 147 -15.59 34.87 -18.50
C VAL A 147 -14.85 33.67 -19.06
N VAL A 148 -14.67 32.65 -18.22
CA VAL A 148 -13.97 31.44 -18.62
C VAL A 148 -14.95 30.36 -19.04
N GLN A 149 -14.56 29.54 -20.00
CA GLN A 149 -15.41 28.42 -20.41
C GLN A 149 -14.58 27.16 -20.30
N ALA A 150 -14.98 26.26 -19.42
CA ALA A 150 -14.28 25.00 -19.26
C ALA A 150 -15.20 23.98 -19.89
N MET A 151 -14.72 23.33 -20.95
CA MET A 151 -15.53 22.33 -21.64
C MET A 151 -14.85 20.97 -21.54
N TYR A 152 -15.63 19.96 -21.16
CA TYR A 152 -15.10 18.61 -21.03
C TYR A 152 -15.14 17.95 -22.40
N VAL A 153 -13.98 17.46 -22.85
CA VAL A 153 -13.89 16.80 -24.14
C VAL A 153 -13.59 15.32 -23.95
N PRO A 154 -14.65 14.49 -23.91
CA PRO A 154 -14.51 13.04 -23.72
C PRO A 154 -13.76 12.44 -24.90
N PRO A 155 -13.02 11.35 -24.67
CA PRO A 155 -12.28 10.73 -25.77
C PRO A 155 -13.21 10.34 -26.92
N GLY A 156 -12.98 10.97 -28.07
CA GLY A 156 -13.79 10.71 -29.24
C GLY A 156 -14.44 11.99 -29.72
N ALA A 157 -14.50 12.98 -28.85
CA ALA A 157 -15.10 14.26 -29.21
C ALA A 157 -14.03 15.07 -29.95
N PRO A 158 -14.47 15.96 -30.86
CA PRO A 158 -13.52 16.77 -31.61
C PRO A 158 -12.81 17.77 -30.70
N ASN A 159 -11.49 17.86 -30.82
CA ASN A 159 -10.73 18.81 -30.00
C ASN A 159 -10.70 20.21 -30.60
N PRO A 160 -10.68 21.22 -29.74
CA PRO A 160 -10.64 22.59 -30.23
C PRO A 160 -9.28 22.80 -30.89
N LYS A 161 -9.24 23.59 -31.97
CA LYS A 161 -7.99 23.88 -32.65
C LYS A 161 -7.71 25.37 -32.52
N GLU A 162 -8.78 26.15 -32.48
CA GLU A 162 -8.71 27.61 -32.33
C GLU A 162 -9.63 27.99 -31.17
N TRP A 163 -9.30 29.05 -30.46
CA TRP A 163 -10.11 29.46 -29.32
C TRP A 163 -11.54 29.78 -29.73
N ASP A 164 -11.82 29.66 -31.02
CA ASP A 164 -13.13 30.01 -31.51
C ASP A 164 -13.74 28.96 -32.46
N ASP A 165 -13.36 27.70 -32.27
CA ASP A 165 -13.84 26.59 -33.09
C ASP A 165 -15.33 26.49 -32.99
N TYR A 166 -15.90 25.61 -33.80
CA TYR A 166 -17.33 25.36 -33.75
C TYR A 166 -17.48 24.49 -32.51
N THR A 167 -16.38 23.81 -32.16
CA THR A 167 -16.36 22.90 -31.02
C THR A 167 -16.83 23.50 -29.71
N TRP A 168 -16.62 24.81 -29.52
CA TRP A 168 -17.04 25.44 -28.28
C TRP A 168 -18.54 25.63 -28.16
N GLN A 169 -19.29 25.19 -29.19
CA GLN A 169 -20.73 25.29 -29.17
C GLN A 169 -21.18 24.38 -28.03
N SER A 170 -20.38 23.34 -27.82
CA SER A 170 -20.58 22.37 -26.75
C SER A 170 -22.04 21.89 -26.66
N ALA A 171 -22.58 21.44 -27.78
CA ALA A 171 -23.96 20.97 -27.83
C ALA A 171 -24.18 19.73 -26.98
N SER A 172 -23.19 18.84 -26.96
CA SER A 172 -23.32 17.62 -26.18
C SER A 172 -22.29 17.55 -25.07
N ASN A 173 -21.10 18.10 -25.29
CA ASN A 173 -20.07 18.09 -24.26
C ASN A 173 -20.54 18.97 -23.11
N PRO A 174 -20.34 18.51 -21.87
CA PRO A 174 -20.81 19.43 -20.82
C PRO A 174 -19.73 20.49 -20.63
N SER A 175 -20.14 21.73 -20.36
CA SER A 175 -19.15 22.78 -20.10
C SER A 175 -19.68 23.83 -19.13
N VAL A 176 -18.77 24.51 -18.42
CA VAL A 176 -19.16 25.51 -17.45
C VAL A 176 -18.62 26.89 -17.77
N PHE A 177 -19.45 27.91 -17.60
CA PHE A 177 -19.03 29.28 -17.84
C PHE A 177 -19.02 30.01 -16.51
N PHE A 178 -17.91 30.66 -16.17
CA PHE A 178 -17.84 31.41 -14.92
C PHE A 178 -16.84 32.56 -15.01
N LYS A 179 -17.05 33.58 -14.19
CA LYS A 179 -16.18 34.75 -14.18
C LYS A 179 -14.80 34.45 -13.61
N VAL A 180 -13.78 35.14 -14.14
CA VAL A 180 -12.43 34.95 -13.63
C VAL A 180 -12.46 35.61 -12.24
N GLY A 181 -11.79 35.00 -11.28
CA GLY A 181 -11.80 35.54 -9.93
C GLY A 181 -12.83 34.81 -9.09
N ASP A 182 -13.81 34.23 -9.79
CA ASP A 182 -14.86 33.46 -9.15
C ASP A 182 -14.46 32.00 -9.20
N THR A 183 -15.36 31.15 -8.73
CA THR A 183 -15.08 29.75 -8.71
C THR A 183 -16.21 28.93 -9.34
N SER A 184 -15.83 27.85 -10.02
CA SER A 184 -16.76 26.95 -10.69
C SER A 184 -16.90 25.66 -9.86
N ARG A 185 -18.11 25.12 -9.73
CA ARG A 185 -18.29 23.87 -8.97
C ARG A 185 -19.38 22.96 -9.48
N PHE A 186 -19.07 21.68 -9.51
CA PHE A 186 -20.00 20.65 -9.97
C PHE A 186 -19.41 19.30 -9.61
N SER A 187 -20.26 18.27 -9.59
CA SER A 187 -19.77 16.93 -9.31
C SER A 187 -19.96 16.03 -10.52
N VAL A 188 -19.18 14.96 -10.54
CA VAL A 188 -19.20 14.01 -11.64
C VAL A 188 -19.32 12.60 -11.06
N PRO A 189 -20.23 11.79 -11.60
CA PRO A 189 -20.39 10.42 -11.09
C PRO A 189 -19.17 9.58 -11.41
N TYR A 190 -19.06 8.42 -10.75
CA TYR A 190 -17.95 7.50 -10.98
C TYR A 190 -17.98 7.06 -12.44
N VAL A 191 -17.01 7.53 -13.23
CA VAL A 191 -16.98 7.22 -14.66
C VAL A 191 -16.10 6.07 -15.11
N GLY A 192 -15.52 5.33 -14.18
CA GLY A 192 -14.67 4.23 -14.60
C GLY A 192 -15.41 3.24 -15.49
N LEU A 193 -14.68 2.52 -16.33
CA LEU A 193 -15.30 1.54 -17.20
C LEU A 193 -15.44 0.24 -16.42
N ALA A 194 -14.57 0.05 -15.44
CA ALA A 194 -14.60 -1.15 -14.61
C ALA A 194 -15.39 -0.84 -13.34
N SER A 195 -15.37 -1.77 -12.39
CA SER A 195 -16.12 -1.56 -11.16
C SER A 195 -15.42 -0.58 -10.22
N ALA A 196 -14.15 -0.32 -10.47
CA ALA A 196 -13.38 0.62 -9.66
C ALA A 196 -12.23 1.18 -10.49
N TYR A 197 -11.62 2.25 -10.00
CA TYR A 197 -10.49 2.84 -10.71
C TYR A 197 -9.25 2.07 -10.24
N ASN A 198 -8.23 1.98 -11.09
CA ASN A 198 -6.99 1.30 -10.74
C ASN A 198 -5.96 2.35 -10.37
N CYS A 199 -5.29 2.17 -9.23
CA CYS A 199 -4.25 3.10 -8.85
C CYS A 199 -2.96 2.54 -9.41
N PHE A 200 -3.01 1.24 -9.73
CA PHE A 200 -1.87 0.52 -10.29
C PHE A 200 -2.39 -0.49 -11.29
N TYR A 201 -1.57 -0.79 -12.30
CA TYR A 201 -1.96 -1.75 -13.33
C TYR A 201 -0.72 -2.43 -13.88
N ASP A 202 -0.52 -3.68 -13.48
CA ASP A 202 0.61 -4.48 -13.93
C ASP A 202 0.23 -5.05 -15.30
N GLY A 203 0.08 -4.19 -16.30
CA GLY A 203 -0.29 -4.69 -17.61
C GLY A 203 -0.13 -3.72 -18.77
N TYR A 204 -0.55 -4.16 -19.95
CA TYR A 204 -0.45 -3.36 -21.16
C TYR A 204 -1.78 -3.28 -21.90
N SER A 205 -1.82 -2.48 -22.96
CA SER A 205 -3.05 -2.33 -23.73
C SER A 205 -3.32 -3.54 -24.60
N HIS A 206 -2.25 -4.25 -24.96
CA HIS A 206 -2.34 -5.46 -25.76
C HIS A 206 -0.99 -6.14 -25.71
N ASP A 207 -0.90 -7.36 -26.25
CA ASP A 207 0.37 -8.10 -26.23
C ASP A 207 1.33 -7.63 -27.32
N ASP A 208 1.96 -6.48 -27.07
CA ASP A 208 2.90 -5.87 -28.01
C ASP A 208 4.26 -5.64 -27.35
N ALA A 209 5.33 -5.84 -28.12
CA ALA A 209 6.69 -5.69 -27.60
C ALA A 209 7.10 -4.29 -27.14
N GLU A 210 6.56 -3.26 -27.79
CA GLU A 210 6.92 -1.88 -27.47
C GLU A 210 5.87 -1.01 -26.75
N THR A 211 4.61 -1.42 -26.78
CA THR A 211 3.54 -0.62 -26.16
C THR A 211 3.78 -0.24 -24.70
N GLN A 212 3.13 0.85 -24.27
CA GLN A 212 3.23 1.38 -22.93
C GLN A 212 2.77 0.46 -21.81
N TYR A 213 3.41 0.60 -20.65
CA TYR A 213 3.15 -0.18 -19.44
C TYR A 213 2.60 0.73 -18.35
N GLY A 214 1.78 0.18 -17.45
CA GLY A 214 1.24 0.98 -16.37
C GLY A 214 -0.18 1.47 -16.55
N ILE A 215 -0.69 2.22 -15.57
CA ILE A 215 -2.06 2.72 -15.65
C ILE A 215 -2.22 3.81 -16.69
N THR A 216 -1.12 4.25 -17.29
CA THR A 216 -1.23 5.28 -18.32
C THR A 216 -2.07 4.67 -19.45
N VAL A 217 -2.12 3.34 -19.47
CA VAL A 217 -2.87 2.59 -20.47
C VAL A 217 -4.37 2.62 -20.18
N LEU A 218 -4.73 2.68 -18.91
CA LEU A 218 -6.13 2.69 -18.50
C LEU A 218 -6.69 4.09 -18.36
N ASN A 219 -5.83 5.06 -18.07
CA ASN A 219 -6.26 6.42 -17.87
C ASN A 219 -6.43 7.31 -19.11
N HIS A 220 -7.40 6.99 -19.96
CA HIS A 220 -7.66 7.83 -21.12
C HIS A 220 -9.04 8.41 -20.86
N MET A 221 -9.06 9.38 -19.95
CA MET A 221 -10.26 10.08 -19.49
C MET A 221 -10.65 11.30 -20.31
N GLY A 222 -9.87 11.63 -21.32
CA GLY A 222 -10.21 12.80 -22.12
C GLY A 222 -9.55 14.07 -21.62
N SER A 223 -10.00 15.20 -22.14
CA SER A 223 -9.43 16.50 -21.78
C SER A 223 -10.47 17.50 -21.33
N MET A 224 -9.98 18.55 -20.70
CA MET A 224 -10.81 19.65 -20.26
C MET A 224 -10.20 20.84 -21.00
N ALA A 225 -10.97 21.46 -21.89
CA ALA A 225 -10.48 22.60 -22.65
C ALA A 225 -10.91 23.89 -21.98
N PHE A 226 -9.96 24.79 -21.77
CA PHE A 226 -10.25 26.07 -21.14
C PHE A 226 -9.99 27.20 -22.11
N ARG A 227 -10.82 28.23 -22.05
CA ARG A 227 -10.65 29.39 -22.93
C ARG A 227 -11.32 30.60 -22.30
N ILE A 228 -11.05 31.76 -22.87
CA ILE A 228 -11.68 32.96 -22.38
C ILE A 228 -12.59 33.43 -23.50
N VAL A 229 -13.88 33.50 -23.19
CA VAL A 229 -14.90 33.89 -24.15
C VAL A 229 -14.77 35.30 -24.72
N ASN A 230 -14.27 36.23 -23.91
CA ASN A 230 -14.12 37.61 -24.33
C ASN A 230 -13.14 37.77 -25.49
N GLU A 231 -13.36 38.80 -26.30
CA GLU A 231 -12.46 39.12 -27.39
C GLU A 231 -11.31 39.81 -26.67
N HIS A 232 -10.24 40.15 -27.38
CA HIS A 232 -9.10 40.80 -26.73
C HIS A 232 -9.29 42.26 -26.37
N ASP A 233 -8.56 42.69 -25.35
CA ASP A 233 -8.59 44.08 -24.91
C ASP A 233 -7.28 44.66 -25.43
N GLU A 234 -7.02 45.94 -25.20
CA GLU A 234 -5.78 46.53 -25.67
C GLU A 234 -4.57 45.84 -25.06
N HIS A 235 -4.65 45.52 -23.77
CA HIS A 235 -3.57 44.85 -23.07
C HIS A 235 -3.76 43.33 -23.06
N LYS A 236 -2.79 42.64 -22.48
CA LYS A 236 -2.83 41.19 -22.40
C LYS A 236 -3.17 40.76 -20.96
N THR A 237 -4.07 39.79 -20.82
CA THR A 237 -4.44 39.31 -19.49
C THR A 237 -4.07 37.84 -19.36
N LEU A 238 -3.40 37.49 -18.28
CA LEU A 238 -2.98 36.11 -18.00
C LEU A 238 -3.88 35.47 -16.96
N VAL A 239 -4.64 34.47 -17.38
CA VAL A 239 -5.52 33.79 -16.45
C VAL A 239 -4.96 32.41 -16.11
N LYS A 240 -4.78 32.19 -14.82
CA LYS A 240 -4.26 30.92 -14.34
C LYS A 240 -5.44 30.12 -13.77
N ILE A 241 -5.54 28.87 -14.17
CA ILE A 241 -6.63 28.00 -13.76
C ILE A 241 -6.19 26.85 -12.86
N ARG A 242 -6.83 26.76 -11.69
CA ARG A 242 -6.54 25.73 -10.71
C ARG A 242 -7.75 24.83 -10.50
N VAL A 243 -7.55 23.53 -10.70
CA VAL A 243 -8.63 22.56 -10.55
C VAL A 243 -8.47 21.76 -9.25
N TYR A 244 -9.52 21.74 -8.44
CA TYR A 244 -9.52 21.01 -7.18
C TYR A 244 -10.45 19.80 -7.22
N HIS A 245 -10.04 18.71 -6.58
CA HIS A 245 -10.82 17.48 -6.56
C HIS A 245 -11.12 16.94 -5.16
N ARG A 246 -12.39 16.64 -4.92
CA ARG A 246 -12.83 16.10 -3.64
C ARG A 246 -13.61 14.83 -3.94
N ALA A 247 -13.25 13.73 -3.28
CA ALA A 247 -13.96 12.47 -3.51
C ALA A 247 -15.10 12.33 -2.53
N LYS A 248 -16.20 11.73 -2.99
CA LYS A 248 -17.33 11.50 -2.11
C LYS A 248 -17.96 10.15 -2.46
N HIS A 249 -18.47 9.46 -1.44
CA HIS A 249 -19.08 8.14 -1.61
C HIS A 249 -17.92 7.23 -1.97
N VAL A 250 -16.94 7.20 -1.08
CA VAL A 250 -15.70 6.45 -1.26
C VAL A 250 -15.67 4.97 -0.90
N GLU A 251 -14.92 4.21 -1.69
CA GLU A 251 -14.72 2.78 -1.50
C GLU A 251 -13.27 2.49 -1.89
N ALA A 252 -12.56 1.76 -1.03
CA ALA A 252 -11.16 1.44 -1.32
C ALA A 252 -10.83 -0.03 -1.05
N TRP A 253 -9.94 -0.59 -1.87
CA TRP A 253 -9.54 -1.98 -1.72
C TRP A 253 -8.01 -2.24 -1.81
N ILE A 254 -7.55 -3.30 -1.14
CA ILE A 254 -6.15 -3.74 -1.15
C ILE A 254 -5.19 -2.64 -0.75
N PRO A 255 -5.03 -2.38 0.56
CA PRO A 255 -4.08 -1.33 0.94
C PRO A 255 -2.62 -1.80 0.63
N ARG A 256 -1.77 -0.86 0.21
CA ARG A 256 -0.35 -1.15 -0.10
C ARG A 256 0.66 -0.27 0.68
N ALA A 257 1.95 -0.52 0.48
CA ALA A 257 2.99 0.26 1.15
C ALA A 257 2.94 1.65 0.62
N PRO A 258 3.05 2.66 1.51
CA PRO A 258 3.02 4.06 1.11
C PRO A 258 4.14 4.43 0.17
N ARG A 259 3.96 5.48 -0.64
CA ARG A 259 5.01 5.91 -1.57
C ARG A 259 6.17 6.41 -0.72
N ALA A 260 7.39 5.95 -1.01
CA ALA A 260 8.56 6.35 -0.23
C ALA A 260 9.47 7.32 -0.98
N LEU A 261 9.76 7.01 -2.24
CA LEU A 261 10.63 7.85 -3.07
C LEU A 261 9.82 8.85 -3.89
N PRO A 262 10.46 9.93 -4.32
CA PRO A 262 9.77 10.94 -5.12
C PRO A 262 9.30 10.41 -6.47
N TYR A 263 8.24 11.03 -7.00
CA TYR A 263 7.68 10.63 -8.29
C TYR A 263 8.46 11.28 -9.42
N THR A 264 8.36 10.73 -10.62
CA THR A 264 9.05 11.30 -11.76
C THR A 264 8.10 11.49 -12.93
N SER A 265 7.02 10.73 -12.94
CA SER A 265 6.11 10.83 -14.05
C SER A 265 4.65 10.51 -13.71
N ILE A 266 3.74 11.08 -14.49
CA ILE A 266 2.33 10.83 -14.31
C ILE A 266 2.03 9.37 -14.62
N GLY A 267 1.38 8.68 -13.69
CA GLY A 267 1.00 7.31 -13.95
C GLY A 267 1.99 6.19 -13.74
N ARG A 268 3.29 6.40 -13.90
CA ARG A 268 4.19 5.28 -13.65
C ARG A 268 4.83 5.38 -12.29
N THR A 269 5.27 4.23 -11.77
CA THR A 269 5.89 4.14 -10.46
C THR A 269 7.36 4.54 -10.43
N ASN A 270 7.88 4.93 -11.59
CA ASN A 270 9.29 5.33 -11.71
C ASN A 270 9.78 6.28 -10.63
N TYR A 271 11.03 6.11 -10.23
CA TYR A 271 11.64 7.00 -9.26
C TYR A 271 13.00 7.43 -9.79
N PRO A 272 13.45 8.64 -9.43
CA PRO A 272 14.72 9.24 -9.85
C PRO A 272 15.96 8.39 -9.57
N LYS A 273 16.94 8.50 -10.47
CA LYS A 273 18.20 7.79 -10.29
C LYS A 273 18.97 8.65 -9.29
N ASN A 274 19.71 8.01 -8.40
CA ASN A 274 20.49 8.75 -7.41
C ASN A 274 19.62 9.61 -6.50
N THR A 275 18.78 8.99 -5.69
CA THR A 275 17.94 9.74 -4.77
C THR A 275 18.46 9.64 -3.35
N GLU A 276 18.25 10.69 -2.58
CA GLU A 276 18.69 10.71 -1.19
C GLU A 276 18.03 9.56 -0.45
N PRO A 277 18.70 9.03 0.57
CA PRO A 277 18.08 7.92 1.30
C PRO A 277 16.81 8.44 1.97
N VAL A 278 15.78 7.59 2.05
CA VAL A 278 14.51 7.98 2.65
C VAL A 278 14.49 7.76 4.17
N ILE A 279 15.15 6.70 4.61
CA ILE A 279 15.23 6.37 6.03
C ILE A 279 16.28 7.24 6.71
N LYS A 280 15.91 7.91 7.79
CA LYS A 280 16.87 8.75 8.50
C LYS A 280 18.01 7.91 9.05
N LYS A 281 19.23 8.45 9.04
CA LYS A 281 20.36 7.73 9.60
C LYS A 281 20.64 8.24 11.01
N ARG A 282 20.83 7.30 11.95
CA ARG A 282 21.09 7.66 13.34
C ARG A 282 22.23 8.63 13.44
N LYS A 283 22.08 9.59 14.36
CA LYS A 283 23.13 10.56 14.58
C LYS A 283 24.21 9.82 15.40
N GLY A 284 23.84 8.68 15.99
CA GLY A 284 24.78 7.91 16.76
C GLY A 284 24.70 6.39 16.57
N ASP A 285 24.52 5.67 17.68
CA ASP A 285 24.41 4.20 17.72
C ASP A 285 23.03 3.72 17.34
N ILE A 286 22.86 2.40 17.49
CA ILE A 286 21.59 1.76 17.26
C ILE A 286 21.04 1.73 18.69
N LYS A 287 21.84 2.25 19.62
CA LYS A 287 21.51 2.32 21.03
C LYS A 287 21.16 3.73 21.46
N SER A 288 21.27 4.67 20.53
CA SER A 288 20.99 6.08 20.78
C SER A 288 19.52 6.37 20.96
N TYR A 289 19.20 7.25 21.90
CA TYR A 289 17.81 7.60 22.14
C TYR A 289 17.41 8.85 21.36
N GLY B 8 -3.95 -33.63 18.62
CA GLY B 8 -2.97 -34.41 17.81
C GLY B 8 -2.49 -33.70 16.55
N TYR B 9 -3.30 -32.77 16.04
CA TYR B 9 -2.97 -32.03 14.82
C TYR B 9 -2.13 -30.77 15.09
N SER B 10 -1.64 -30.12 14.04
CA SER B 10 -0.77 -28.95 14.22
C SER B 10 -0.65 -28.07 12.99
N ASP B 11 -0.37 -26.77 13.16
CA ASP B 11 -0.20 -25.86 12.01
C ASP B 11 1.04 -26.31 11.27
N ARG B 12 1.93 -26.96 12.00
CA ARG B 12 3.19 -27.46 11.47
C ARG B 12 3.04 -28.47 10.35
N VAL B 13 2.13 -29.42 10.53
CA VAL B 13 1.91 -30.45 9.53
C VAL B 13 0.68 -30.20 8.68
N GLN B 14 0.84 -30.23 7.37
CA GLN B 14 -0.28 -30.01 6.45
C GLN B 14 -0.16 -30.75 5.16
N GLN B 15 -1.32 -30.97 4.54
CA GLN B 15 -1.39 -31.63 3.24
C GLN B 15 -2.31 -30.77 2.38
N ILE B 16 -1.98 -30.66 1.10
CA ILE B 16 -2.80 -29.90 0.17
C ILE B 16 -2.90 -30.75 -1.09
N THR B 17 -4.13 -31.03 -1.50
CA THR B 17 -4.38 -31.85 -2.68
C THR B 17 -5.24 -31.11 -3.68
N LEU B 18 -4.71 -30.94 -4.89
CA LEU B 18 -5.45 -30.29 -5.95
C LEU B 18 -5.19 -31.11 -7.20
N GLY B 19 -6.27 -31.58 -7.83
CA GLY B 19 -6.10 -32.40 -9.02
C GLY B 19 -5.42 -33.69 -8.58
N ASN B 20 -4.40 -34.11 -9.31
CA ASN B 20 -3.67 -35.34 -8.96
C ASN B 20 -2.35 -35.02 -8.29
N SER B 21 -2.24 -33.80 -7.75
CA SER B 21 -1.02 -33.38 -7.10
C SER B 21 -1.25 -33.10 -5.62
N THR B 22 -0.31 -33.54 -4.79
CA THR B 22 -0.42 -33.33 -3.35
C THR B 22 0.92 -32.91 -2.76
N ILE B 23 0.92 -31.86 -1.96
CA ILE B 23 2.15 -31.44 -1.32
C ILE B 23 1.94 -31.65 0.18
N THR B 24 3.02 -31.97 0.88
CA THR B 24 2.97 -32.18 2.32
C THR B 24 4.10 -31.39 2.94
N THR B 25 3.94 -30.99 4.19
CA THR B 25 4.96 -30.25 4.90
C THR B 25 4.82 -30.60 6.37
N GLN B 26 5.95 -30.76 7.06
CA GLN B 26 5.89 -31.09 8.47
C GLN B 26 6.43 -29.95 9.31
N GLU B 27 6.72 -28.84 8.65
CA GLU B 27 7.25 -27.67 9.33
C GLU B 27 6.72 -26.35 8.77
N ALA B 28 5.41 -26.24 8.64
CA ALA B 28 4.79 -25.03 8.13
C ALA B 28 4.47 -24.11 9.30
N ALA B 29 3.94 -22.94 8.99
CA ALA B 29 3.55 -21.97 10.02
C ALA B 29 2.17 -21.52 9.60
N ASN B 30 1.21 -22.42 9.74
CA ASN B 30 -0.16 -22.13 9.35
C ASN B 30 -0.16 -21.89 7.83
N ALA B 31 -1.11 -21.10 7.38
CA ALA B 31 -1.22 -20.77 5.96
C ALA B 31 -2.03 -19.48 5.85
N VAL B 32 -1.76 -18.70 4.81
CA VAL B 32 -2.46 -17.45 4.66
C VAL B 32 -3.47 -17.48 3.54
N VAL B 33 -4.64 -16.92 3.80
CA VAL B 33 -5.69 -16.83 2.80
C VAL B 33 -5.91 -15.33 2.60
N CYS B 34 -5.30 -14.80 1.54
CA CYS B 34 -5.37 -13.38 1.23
C CYS B 34 -6.69 -12.72 1.57
N TYR B 35 -6.63 -11.67 2.39
CA TYR B 35 -7.81 -10.91 2.77
C TYR B 35 -8.95 -11.80 3.25
N ALA B 36 -8.56 -12.92 3.88
CA ALA B 36 -9.48 -13.88 4.43
C ALA B 36 -10.55 -14.37 3.46
N GLU B 37 -10.20 -14.47 2.17
CA GLU B 37 -11.15 -14.94 1.18
C GLU B 37 -10.66 -16.06 0.34
N TRP B 38 -11.41 -17.15 0.35
CA TRP B 38 -11.05 -18.32 -0.43
C TRP B 38 -11.47 -18.08 -1.88
N PRO B 39 -10.70 -18.60 -2.85
CA PRO B 39 -11.08 -18.37 -4.25
C PRO B 39 -12.41 -19.04 -4.60
N GLU B 40 -13.14 -18.41 -5.52
CA GLU B 40 -14.45 -18.91 -5.96
C GLU B 40 -14.67 -18.58 -7.44
N TYR B 41 -15.68 -19.21 -8.04
CA TYR B 41 -16.00 -18.95 -9.44
C TYR B 41 -16.78 -17.64 -9.58
N LEU B 42 -16.86 -17.14 -10.81
CA LEU B 42 -17.56 -15.89 -11.08
C LEU B 42 -19.07 -16.08 -11.10
N PRO B 43 -19.78 -15.46 -10.13
CA PRO B 43 -21.24 -15.51 -9.97
C PRO B 43 -21.98 -14.68 -11.03
N ASP B 44 -23.16 -15.14 -11.43
CA ASP B 44 -23.94 -14.43 -12.44
C ASP B 44 -24.11 -12.93 -12.19
N VAL B 45 -24.41 -12.58 -10.96
CA VAL B 45 -24.64 -11.18 -10.63
C VAL B 45 -23.47 -10.25 -10.97
N ASP B 46 -22.25 -10.79 -10.95
CA ASP B 46 -21.06 -9.98 -11.26
C ASP B 46 -20.57 -10.10 -12.70
N ALA B 47 -21.03 -11.13 -13.40
CA ALA B 47 -20.63 -11.38 -14.78
C ALA B 47 -21.07 -10.31 -15.77
N SER B 48 -20.33 -10.17 -16.86
CA SER B 48 -20.63 -9.20 -17.91
C SER B 48 -20.55 -9.92 -19.24
N ASP B 49 -19.42 -10.57 -19.47
CA ASP B 49 -19.19 -11.33 -20.68
C ASP B 49 -20.29 -12.40 -20.79
N VAL B 50 -21.06 -12.38 -21.87
CA VAL B 50 -22.15 -13.35 -22.04
C VAL B 50 -21.76 -14.77 -22.44
N ASN B 51 -20.50 -15.00 -22.76
CA ASN B 51 -20.07 -16.33 -23.14
C ASN B 51 -20.09 -17.32 -21.98
N LYS B 52 -20.56 -18.53 -22.24
CA LYS B 52 -20.58 -19.57 -21.22
C LYS B 52 -19.10 -19.89 -21.01
N THR B 53 -18.63 -19.95 -19.76
CA THR B 53 -17.21 -20.22 -19.52
C THR B 53 -16.85 -21.70 -19.52
N SER B 54 -15.54 -21.95 -19.48
CA SER B 54 -15.00 -23.30 -19.48
C SER B 54 -14.25 -23.52 -18.18
N LYS B 55 -14.54 -24.63 -17.51
CA LYS B 55 -13.88 -24.93 -16.25
C LYS B 55 -13.19 -26.29 -16.31
N PRO B 56 -11.94 -26.32 -16.82
CA PRO B 56 -11.13 -27.53 -16.96
C PRO B 56 -10.95 -28.28 -15.64
N ASP B 57 -11.21 -27.59 -14.54
CA ASP B 57 -11.11 -28.19 -13.22
C ASP B 57 -9.76 -28.87 -12.95
N THR B 58 -9.79 -30.16 -12.66
CA THR B 58 -8.60 -30.93 -12.32
C THR B 58 -7.41 -30.91 -13.29
N SER B 59 -7.65 -30.59 -14.55
CA SER B 59 -6.56 -30.58 -15.50
C SER B 59 -5.72 -29.31 -15.47
N VAL B 60 -6.21 -28.28 -14.81
CA VAL B 60 -5.46 -27.03 -14.71
C VAL B 60 -5.31 -26.59 -13.27
N CYS B 61 -6.18 -27.09 -12.40
CA CYS B 61 -6.12 -26.74 -10.98
C CYS B 61 -5.32 -27.80 -10.25
N ARG B 62 -4.00 -27.74 -10.45
CA ARG B 62 -3.06 -28.69 -9.86
C ARG B 62 -1.74 -27.96 -9.62
N PHE B 63 -0.85 -28.57 -8.84
CA PHE B 63 0.44 -27.97 -8.55
C PHE B 63 1.49 -28.11 -9.65
N TYR B 64 2.08 -26.98 -10.03
CA TYR B 64 3.12 -26.91 -11.05
C TYR B 64 4.37 -26.42 -10.32
N THR B 65 5.49 -27.13 -10.45
CA THR B 65 6.72 -26.72 -9.77
C THR B 65 7.74 -26.04 -10.67
N LEU B 66 8.08 -24.80 -10.35
CA LEU B 66 9.05 -24.02 -11.11
C LEU B 66 10.50 -24.43 -10.80
N ASP B 67 11.44 -23.99 -11.63
CA ASP B 67 12.85 -24.32 -11.42
C ASP B 67 13.29 -23.74 -10.09
N SER B 68 14.03 -24.52 -9.32
CA SER B 68 14.51 -24.06 -8.02
C SER B 68 15.53 -22.95 -8.14
N LYS B 69 15.46 -21.96 -7.25
CA LYS B 69 16.43 -20.87 -7.24
C LYS B 69 17.50 -21.25 -6.23
N THR B 70 18.64 -20.58 -6.28
CA THR B 70 19.69 -20.88 -5.34
C THR B 70 19.98 -19.70 -4.43
N TRP B 71 19.68 -19.89 -3.16
CA TRP B 71 19.87 -18.86 -2.14
C TRP B 71 21.31 -18.88 -1.65
N THR B 72 22.03 -17.81 -1.95
CA THR B 72 23.41 -17.71 -1.54
C THR B 72 23.53 -16.56 -0.55
N THR B 73 24.71 -16.41 0.00
CA THR B 73 24.96 -15.37 0.97
C THR B 73 24.80 -13.96 0.40
N GLY B 74 24.62 -13.86 -0.91
CA GLY B 74 24.47 -12.55 -1.51
C GLY B 74 23.20 -12.33 -2.31
N SER B 75 22.27 -13.29 -2.25
CA SER B 75 21.01 -13.17 -2.99
C SER B 75 20.23 -11.91 -2.58
N LYS B 76 19.54 -11.30 -3.54
CA LYS B 76 18.75 -10.11 -3.23
C LYS B 76 17.27 -10.49 -3.14
N GLY B 77 16.88 -11.47 -3.96
CA GLY B 77 15.50 -11.91 -3.95
C GLY B 77 15.02 -12.24 -5.35
N TRP B 78 13.81 -12.76 -5.45
CA TRP B 78 13.24 -13.14 -6.74
C TRP B 78 11.79 -12.68 -6.82
N CYS B 79 11.34 -12.43 -8.05
CA CYS B 79 9.97 -11.99 -8.27
C CYS B 79 9.34 -12.70 -9.44
N TRP B 80 8.20 -13.35 -9.20
CA TRP B 80 7.47 -14.04 -10.26
C TRP B 80 6.16 -13.30 -10.44
N LYS B 81 5.48 -13.55 -11.54
CA LYS B 81 4.21 -12.89 -11.78
C LYS B 81 3.19 -13.92 -12.26
N LEU B 82 1.93 -13.74 -11.84
CA LEU B 82 0.86 -14.65 -12.23
C LEU B 82 -0.17 -13.89 -13.05
N PRO B 83 -0.78 -14.56 -14.04
CA PRO B 83 -0.55 -15.95 -14.41
C PRO B 83 0.72 -16.22 -15.21
N ASP B 84 1.47 -15.18 -15.56
CA ASP B 84 2.68 -15.34 -16.36
C ASP B 84 3.54 -16.57 -16.03
N ALA B 85 3.93 -16.70 -14.76
CA ALA B 85 4.78 -17.80 -14.32
C ALA B 85 4.34 -19.19 -14.75
N LEU B 86 3.07 -19.36 -15.09
CA LEU B 86 2.57 -20.67 -15.49
C LEU B 86 2.13 -20.77 -16.94
N LYS B 87 2.51 -19.78 -17.76
CA LYS B 87 2.11 -19.75 -19.17
C LYS B 87 2.51 -20.95 -20.01
N ASP B 88 3.52 -21.69 -19.57
CA ASP B 88 3.98 -22.86 -20.31
C ASP B 88 3.73 -24.13 -19.51
N MET B 89 2.85 -24.04 -18.53
CA MET B 89 2.54 -25.19 -17.69
C MET B 89 1.32 -25.98 -18.14
N GLY B 90 1.57 -27.14 -18.74
CA GLY B 90 0.51 -28.02 -19.19
C GLY B 90 -0.70 -27.38 -19.85
N VAL B 91 -1.87 -27.91 -19.50
CA VAL B 91 -3.13 -27.44 -20.08
C VAL B 91 -3.50 -26.04 -19.61
N PHE B 92 -3.05 -25.65 -18.41
CA PHE B 92 -3.35 -24.32 -17.92
C PHE B 92 -2.81 -23.30 -18.93
N GLY B 93 -1.53 -23.44 -19.24
CA GLY B 93 -0.89 -22.55 -20.19
C GLY B 93 -1.63 -22.50 -21.52
N GLN B 94 -1.90 -23.67 -22.08
CA GLN B 94 -2.61 -23.72 -23.35
C GLN B 94 -3.90 -22.90 -23.32
N ASN B 95 -4.70 -23.09 -22.27
CA ASN B 95 -5.95 -22.36 -22.16
C ASN B 95 -5.75 -20.85 -22.10
N MET B 96 -4.64 -20.42 -21.49
CA MET B 96 -4.34 -18.99 -21.38
C MET B 96 -4.27 -18.30 -22.73
N PHE B 97 -3.62 -18.96 -23.69
CA PHE B 97 -3.44 -18.38 -25.01
C PHE B 97 -4.58 -18.62 -25.98
N PHE B 98 -5.33 -19.68 -25.79
CA PHE B 98 -6.44 -19.97 -26.68
C PHE B 98 -7.71 -19.18 -26.35
N HIS B 99 -7.75 -18.59 -25.16
CA HIS B 99 -8.91 -17.80 -24.76
C HIS B 99 -8.62 -16.31 -24.65
N SER B 100 -9.65 -15.54 -24.97
CA SER B 100 -9.58 -14.08 -24.91
C SER B 100 -9.54 -13.66 -23.45
N LEU B 101 -10.35 -14.34 -22.64
CA LEU B 101 -10.46 -14.00 -21.23
C LEU B 101 -10.29 -15.18 -20.28
N GLY B 102 -10.11 -14.87 -19.01
CA GLY B 102 -9.99 -15.90 -17.99
C GLY B 102 -9.72 -15.32 -16.61
N ARG B 103 -10.03 -16.09 -15.57
CA ARG B 103 -9.80 -15.65 -14.20
C ARG B 103 -9.36 -16.87 -13.40
N SER B 104 -8.58 -16.64 -12.35
CA SER B 104 -8.12 -17.74 -11.52
C SER B 104 -7.54 -17.31 -10.19
N GLY B 105 -7.55 -18.24 -9.24
CA GLY B 105 -6.99 -18.01 -7.93
C GLY B 105 -5.85 -19.01 -7.86
N TYR B 106 -5.06 -18.99 -6.78
CA TYR B 106 -3.94 -19.92 -6.68
C TYR B 106 -3.63 -20.30 -5.24
N THR B 107 -2.80 -21.33 -5.11
CA THR B 107 -2.29 -21.76 -3.81
C THR B 107 -0.79 -21.77 -4.08
N VAL B 108 -0.07 -20.84 -3.43
CA VAL B 108 1.37 -20.74 -3.60
C VAL B 108 2.04 -21.45 -2.45
N HIS B 109 3.02 -22.30 -2.77
CA HIS B 109 3.76 -23.05 -1.77
C HIS B 109 5.26 -22.91 -2.02
N VAL B 110 5.93 -22.13 -1.18
CA VAL B 110 7.37 -21.92 -1.32
C VAL B 110 8.11 -22.83 -0.33
N GLN B 111 9.07 -23.60 -0.85
CA GLN B 111 9.83 -24.53 -0.01
C GLN B 111 11.31 -24.18 0.17
N CYS B 112 11.80 -24.36 1.40
CA CYS B 112 13.22 -24.13 1.71
C CYS B 112 13.61 -24.76 3.04
N ASN B 113 14.36 -25.86 3.01
CA ASN B 113 14.76 -26.51 4.24
C ASN B 113 16.27 -26.47 4.46
N ALA B 114 16.68 -26.42 5.72
CA ALA B 114 18.09 -26.37 6.07
C ALA B 114 18.25 -27.25 7.28
N THR B 115 19.14 -26.90 8.20
CA THR B 115 19.28 -27.70 9.43
C THR B 115 19.10 -26.76 10.60
N LYS B 116 19.03 -27.34 11.80
CA LYS B 116 18.87 -26.53 13.01
C LYS B 116 20.11 -25.70 13.32
N PHE B 117 21.12 -25.81 12.45
CA PHE B 117 22.37 -25.06 12.63
C PHE B 117 22.40 -23.83 11.70
N HIS B 118 21.63 -23.88 10.63
CA HIS B 118 21.56 -22.76 9.68
C HIS B 118 20.72 -21.64 10.28
N SER B 119 20.65 -20.53 9.56
CA SER B 119 19.85 -19.40 9.99
C SER B 119 19.58 -18.57 8.75
N GLY B 120 18.37 -18.03 8.64
CA GLY B 120 18.02 -17.24 7.48
C GLY B 120 16.53 -17.00 7.53
N CYS B 121 16.09 -15.88 6.96
CA CYS B 121 14.67 -15.57 6.98
C CYS B 121 14.18 -14.95 5.68
N LEU B 122 13.34 -15.69 4.97
CA LEU B 122 12.77 -15.25 3.70
C LEU B 122 11.37 -14.65 3.90
N LEU B 123 11.11 -13.55 3.22
CA LEU B 123 9.79 -12.93 3.28
C LEU B 123 9.10 -13.43 2.01
N VAL B 124 7.92 -14.03 2.14
CA VAL B 124 7.18 -14.52 0.98
C VAL B 124 5.89 -13.73 0.91
N VAL B 125 5.76 -12.88 -0.10
CA VAL B 125 4.58 -12.03 -0.22
C VAL B 125 3.91 -12.02 -1.59
N VAL B 126 2.61 -11.76 -1.58
CA VAL B 126 1.81 -11.67 -2.80
C VAL B 126 1.34 -10.22 -2.94
N ILE B 127 1.71 -9.58 -4.04
CA ILE B 127 1.36 -8.19 -4.27
C ILE B 127 0.41 -8.03 -5.45
N PRO B 128 -0.85 -7.60 -5.20
CA PRO B 128 -1.82 -7.42 -6.28
C PRO B 128 -1.43 -6.18 -7.09
N GLU B 129 -1.56 -6.25 -8.43
CA GLU B 129 -1.20 -5.12 -9.30
C GLU B 129 0.17 -4.56 -8.94
N HIS B 130 1.22 -5.37 -9.09
CA HIS B 130 2.57 -4.92 -8.78
C HIS B 130 3.18 -4.22 -10.00
N GLN B 131 2.79 -2.96 -10.20
CA GLN B 131 3.30 -2.19 -11.33
C GLN B 131 4.75 -1.79 -11.07
N LEU B 132 5.66 -2.40 -11.82
CA LEU B 132 7.09 -2.16 -11.69
C LEU B 132 7.51 -0.80 -12.22
N ALA B 133 8.68 -0.34 -11.77
CA ALA B 133 9.21 0.95 -12.20
C ALA B 133 10.44 0.77 -13.10
N SER B 134 10.66 1.73 -14.00
CA SER B 134 11.80 1.68 -14.91
C SER B 134 13.01 2.25 -14.17
N HIS B 135 14.15 1.56 -14.26
CA HIS B 135 15.36 2.02 -13.60
C HIS B 135 15.89 3.31 -14.24
N GLU B 136 15.39 3.61 -15.43
CA GLU B 136 15.82 4.80 -16.14
C GLU B 136 15.17 6.06 -15.59
N GLY B 137 14.14 5.89 -14.76
CA GLY B 137 13.47 7.03 -14.17
C GLY B 137 12.67 7.83 -15.19
N GLY B 138 12.56 9.12 -14.97
CA GLY B 138 11.81 9.96 -15.89
C GLY B 138 10.49 9.31 -16.20
N ASN B 139 10.18 9.12 -17.48
CA ASN B 139 8.92 8.49 -17.84
C ASN B 139 9.11 7.31 -18.77
N VAL B 140 10.22 6.61 -18.59
CA VAL B 140 10.50 5.44 -19.41
C VAL B 140 9.55 4.32 -19.00
N SER B 141 9.17 3.50 -19.96
CA SER B 141 8.27 2.39 -19.71
C SER B 141 9.07 1.09 -19.47
N VAL B 142 8.36 0.01 -19.18
CA VAL B 142 9.00 -1.28 -18.97
C VAL B 142 8.41 -2.23 -20.01
N LYS B 143 9.20 -2.52 -21.04
CA LYS B 143 8.80 -3.39 -22.15
C LYS B 143 8.13 -4.71 -21.73
N TYR B 144 7.11 -5.09 -22.49
CA TYR B 144 6.35 -6.31 -22.24
C TYR B 144 7.20 -7.52 -21.81
N THR B 145 8.25 -7.80 -22.57
CA THR B 145 9.13 -8.93 -22.27
C THR B 145 9.64 -9.01 -20.85
N PHE B 146 10.03 -7.86 -20.30
CA PHE B 146 10.60 -7.81 -18.97
C PHE B 146 9.67 -8.00 -17.79
N THR B 147 8.36 -7.98 -18.03
CA THR B 147 7.43 -8.21 -16.94
C THR B 147 6.74 -9.53 -17.20
N HIS B 148 7.28 -10.29 -18.14
CA HIS B 148 6.76 -11.60 -18.48
C HIS B 148 7.91 -12.60 -18.53
N PRO B 149 8.71 -12.67 -17.45
CA PRO B 149 9.85 -13.58 -17.38
C PRO B 149 9.52 -15.06 -17.45
N GLY B 150 8.25 -15.40 -17.31
CA GLY B 150 7.89 -16.81 -17.34
C GLY B 150 8.21 -17.46 -16.01
N GLU B 151 8.45 -18.77 -16.02
CA GLU B 151 8.74 -19.48 -14.78
C GLU B 151 10.11 -19.18 -14.19
N ARG B 152 10.98 -18.56 -14.99
CA ARG B 152 12.30 -18.23 -14.49
C ARG B 152 12.20 -17.05 -13.53
N GLY B 153 11.17 -16.23 -13.72
CA GLY B 153 10.97 -15.08 -12.86
C GLY B 153 12.08 -14.05 -12.99
N ILE B 154 11.99 -12.97 -12.22
CA ILE B 154 12.98 -11.91 -12.24
C ILE B 154 13.96 -12.05 -11.07
N ASP B 155 15.25 -11.99 -11.36
CA ASP B 155 16.26 -12.11 -10.32
C ASP B 155 16.66 -10.70 -9.86
N LEU B 156 16.33 -10.37 -8.61
CA LEU B 156 16.63 -9.05 -8.09
C LEU B 156 18.09 -8.71 -7.89
N SER B 157 18.98 -9.66 -8.15
CA SER B 157 20.40 -9.38 -7.98
C SER B 157 21.10 -9.37 -9.34
N SER B 158 20.32 -9.37 -10.40
CA SER B 158 20.85 -9.33 -11.76
C SER B 158 20.94 -7.86 -12.15
N ALA B 159 21.72 -7.56 -13.19
CA ALA B 159 21.91 -6.17 -13.62
C ALA B 159 20.73 -5.64 -14.43
N ASN B 160 20.58 -4.32 -14.45
CA ASN B 160 19.50 -3.70 -15.20
C ASN B 160 19.71 -4.04 -16.67
N GLU B 161 18.68 -3.78 -17.47
CA GLU B 161 18.79 -4.00 -18.90
C GLU B 161 17.80 -3.07 -19.60
N VAL B 162 18.20 -2.58 -20.76
CA VAL B 162 17.39 -1.64 -21.52
C VAL B 162 15.96 -2.10 -21.71
N GLY B 163 15.03 -1.33 -21.15
CA GLY B 163 13.62 -1.65 -21.27
C GLY B 163 13.07 -2.41 -20.07
N GLY B 164 13.97 -2.85 -19.20
CA GLY B 164 13.58 -3.60 -18.03
C GLY B 164 13.23 -2.76 -16.82
N PRO B 165 12.85 -3.41 -15.71
CA PRO B 165 12.48 -2.74 -14.46
C PRO B 165 13.69 -2.55 -13.55
N VAL B 166 13.55 -1.67 -12.57
CA VAL B 166 14.60 -1.43 -11.60
C VAL B 166 14.55 -2.64 -10.66
N LYS B 167 15.66 -2.99 -10.00
CA LYS B 167 15.62 -4.16 -9.13
C LYS B 167 16.21 -4.01 -7.72
N ASP B 168 16.14 -2.80 -7.15
CA ASP B 168 16.65 -2.61 -5.80
C ASP B 168 15.63 -3.20 -4.84
N VAL B 169 15.97 -4.34 -4.24
CA VAL B 169 15.09 -5.05 -3.31
C VAL B 169 14.49 -4.08 -2.31
N ILE B 170 15.30 -3.11 -1.93
CA ILE B 170 14.91 -2.14 -0.95
C ILE B 170 13.72 -1.27 -1.28
N TYR B 171 13.49 -1.01 -2.56
CA TYR B 171 12.37 -0.16 -2.94
C TYR B 171 11.25 -0.92 -3.65
N ASN B 172 11.21 -2.22 -3.40
CA ASN B 172 10.19 -3.11 -3.96
C ASN B 172 9.96 -2.98 -5.46
N MET B 173 10.95 -2.49 -6.19
CA MET B 173 10.83 -2.32 -7.64
C MET B 173 9.71 -1.35 -8.00
N ASN B 174 9.28 -0.53 -7.04
CA ASN B 174 8.21 0.41 -7.33
C ASN B 174 8.19 1.70 -6.52
N GLY B 175 9.27 2.00 -5.81
CA GLY B 175 9.30 3.25 -5.06
C GLY B 175 8.69 3.27 -3.68
N THR B 176 8.52 2.08 -3.09
CA THR B 176 7.98 1.96 -1.74
C THR B 176 9.00 1.13 -0.94
N LEU B 177 9.08 1.33 0.36
CA LEU B 177 10.05 0.60 1.18
C LEU B 177 9.72 -0.86 1.49
N LEU B 178 10.75 -1.70 1.43
CA LEU B 178 10.64 -3.14 1.70
C LEU B 178 9.88 -3.44 2.98
N GLY B 179 10.26 -2.77 4.06
CA GLY B 179 9.63 -2.99 5.35
C GLY B 179 8.11 -2.97 5.40
N ASN B 180 7.48 -2.22 4.50
CA ASN B 180 6.03 -2.14 4.50
C ASN B 180 5.36 -3.13 3.56
N LEU B 181 6.15 -4.07 3.04
CA LEU B 181 5.61 -5.06 2.14
C LEU B 181 4.66 -5.96 2.93
N LEU B 182 4.81 -5.95 4.25
CA LEU B 182 3.97 -6.76 5.14
C LEU B 182 2.49 -6.39 5.16
N ILE B 183 2.12 -5.27 4.55
CA ILE B 183 0.70 -4.90 4.52
C ILE B 183 0.01 -5.77 3.47
N PHE B 184 0.79 -6.49 2.67
CA PHE B 184 0.24 -7.39 1.66
C PHE B 184 0.21 -8.78 2.28
N PRO B 185 -0.73 -9.64 1.83
CA PRO B 185 -0.77 -10.98 2.41
C PRO B 185 0.60 -11.63 2.26
N HIS B 186 1.19 -12.00 3.40
CA HIS B 186 2.52 -12.58 3.39
C HIS B 186 2.72 -13.64 4.44
N GLN B 187 3.92 -14.20 4.43
CA GLN B 187 4.33 -15.21 5.39
C GLN B 187 5.86 -15.20 5.37
N PHE B 188 6.49 -15.69 6.43
CA PHE B 188 7.95 -15.72 6.49
C PHE B 188 8.42 -17.16 6.52
N ILE B 189 9.60 -17.42 5.96
CA ILE B 189 10.17 -18.75 6.05
C ILE B 189 11.43 -18.46 6.86
N ASN B 190 11.33 -18.65 8.16
CA ASN B 190 12.44 -18.40 9.08
C ASN B 190 12.98 -19.79 9.38
N LEU B 191 14.10 -20.14 8.76
CA LEU B 191 14.70 -21.45 8.91
C LEU B 191 14.62 -22.14 10.27
N ARG B 192 14.72 -21.38 11.34
CA ARG B 192 14.66 -21.98 12.67
C ARG B 192 13.26 -22.38 13.09
N THR B 193 12.26 -21.94 12.34
CA THR B 193 10.85 -22.19 12.62
C THR B 193 10.20 -22.84 11.41
N ASN B 194 10.34 -22.15 10.29
CA ASN B 194 9.78 -22.56 9.04
C ASN B 194 10.55 -23.53 8.19
N ASN B 195 9.87 -24.05 7.20
CA ASN B 195 10.43 -25.01 6.26
C ASN B 195 9.71 -24.66 4.97
N THR B 196 8.46 -24.21 5.11
CA THR B 196 7.63 -23.81 3.97
C THR B 196 6.74 -22.59 4.27
N ALA B 197 6.19 -22.00 3.21
CA ALA B 197 5.27 -20.86 3.33
C ALA B 197 4.13 -21.16 2.37
N THR B 198 2.90 -20.93 2.81
CA THR B 198 1.75 -21.23 1.96
C THR B 198 0.76 -20.08 1.93
N ILE B 199 0.39 -19.64 0.74
CA ILE B 199 -0.53 -18.53 0.59
C ILE B 199 -1.60 -18.85 -0.45
N VAL B 200 -2.87 -18.73 -0.05
CA VAL B 200 -3.98 -18.98 -0.96
C VAL B 200 -4.45 -17.64 -1.51
N ILE B 201 -4.42 -17.48 -2.83
CA ILE B 201 -4.81 -16.23 -3.47
C ILE B 201 -6.13 -16.28 -4.22
N PRO B 202 -7.08 -15.42 -3.83
CA PRO B 202 -8.39 -15.39 -4.51
C PRO B 202 -8.25 -14.41 -5.68
N TYR B 203 -9.17 -14.46 -6.63
CA TYR B 203 -9.10 -13.55 -7.76
C TYR B 203 -9.31 -12.11 -7.30
N ILE B 204 -8.33 -11.25 -7.54
CA ILE B 204 -8.44 -9.85 -7.12
C ILE B 204 -8.25 -8.93 -8.33
N ASN B 205 -9.33 -8.32 -8.77
CA ASN B 205 -9.29 -7.43 -9.93
C ASN B 205 -10.50 -6.50 -9.90
N SER B 206 -10.44 -5.41 -10.66
CA SER B 206 -11.55 -4.47 -10.73
C SER B 206 -12.54 -4.85 -11.84
N VAL B 207 -12.29 -5.99 -12.48
CA VAL B 207 -13.17 -6.50 -13.53
C VAL B 207 -13.45 -7.97 -13.22
N PRO B 208 -14.61 -8.49 -13.64
CA PRO B 208 -15.07 -9.86 -13.44
C PRO B 208 -14.12 -10.92 -13.98
N ILE B 209 -13.54 -10.64 -15.13
CA ILE B 209 -12.63 -11.55 -15.80
C ILE B 209 -11.69 -10.67 -16.63
N ASP B 210 -10.54 -11.18 -17.06
CA ASP B 210 -9.61 -10.34 -17.79
C ASP B 210 -8.74 -11.14 -18.76
N SER B 211 -7.84 -10.42 -19.45
CA SER B 211 -6.92 -11.03 -20.38
C SER B 211 -5.83 -11.62 -19.51
N MET B 212 -5.46 -12.85 -19.78
CA MET B 212 -4.44 -13.47 -18.96
C MET B 212 -3.04 -13.27 -19.47
N THR B 213 -2.90 -12.65 -20.63
CA THR B 213 -1.59 -12.43 -21.20
C THR B 213 -1.12 -11.00 -21.10
N ARG B 214 -2.01 -10.04 -21.25
CA ARG B 214 -1.57 -8.65 -21.20
C ARG B 214 -1.60 -8.04 -19.81
N HIS B 215 -2.07 -8.79 -18.83
CA HIS B 215 -2.18 -8.29 -17.47
C HIS B 215 -1.85 -9.35 -16.42
N ASN B 216 -0.90 -9.05 -15.53
CA ASN B 216 -0.53 -9.97 -14.46
C ASN B 216 -1.22 -9.45 -13.21
N ASN B 217 -2.11 -10.27 -12.64
CA ASN B 217 -2.88 -9.89 -11.47
C ASN B 217 -2.12 -9.71 -10.17
N VAL B 218 -1.10 -10.53 -9.96
CA VAL B 218 -0.30 -10.41 -8.75
C VAL B 218 1.11 -10.89 -9.05
N SER B 219 2.05 -10.47 -8.22
CA SER B 219 3.39 -10.96 -8.40
C SER B 219 3.74 -11.57 -7.04
N LEU B 220 4.55 -12.63 -7.08
CA LEU B 220 4.98 -13.34 -5.89
C LEU B 220 6.44 -13.00 -5.68
N MET B 221 6.79 -12.58 -4.48
CA MET B 221 8.18 -12.24 -4.20
C MET B 221 8.73 -13.06 -3.04
N VAL B 222 9.95 -13.54 -3.19
CA VAL B 222 10.63 -14.30 -2.14
C VAL B 222 11.87 -13.45 -1.89
N ILE B 223 11.90 -12.78 -0.75
CA ILE B 223 12.98 -11.88 -0.42
C ILE B 223 13.76 -12.21 0.85
N PRO B 224 15.08 -12.41 0.74
CA PRO B 224 15.83 -12.73 1.96
C PRO B 224 15.90 -11.45 2.80
N ILE B 225 15.52 -11.54 4.07
CA ILE B 225 15.58 -10.38 4.96
C ILE B 225 16.80 -10.65 5.84
N ALA B 226 16.72 -11.68 6.67
CA ALA B 226 17.87 -12.04 7.49
C ALA B 226 18.65 -12.95 6.54
N PRO B 227 19.87 -12.54 6.16
CA PRO B 227 20.75 -13.29 5.24
C PRO B 227 21.01 -14.73 5.63
N LEU B 228 21.30 -15.55 4.63
CA LEU B 228 21.58 -16.96 4.87
C LEU B 228 22.94 -17.13 5.53
N THR B 229 23.02 -18.04 6.49
CA THR B 229 24.29 -18.33 7.15
C THR B 229 24.28 -19.84 7.33
N VAL B 230 25.36 -20.49 6.96
CA VAL B 230 25.43 -21.93 7.09
C VAL B 230 26.46 -22.30 8.15
N PRO B 231 26.36 -23.51 8.71
CA PRO B 231 27.33 -23.91 9.74
C PRO B 231 28.73 -23.93 9.14
N THR B 232 29.73 -23.91 10.01
CA THR B 232 31.13 -23.89 9.60
C THR B 232 31.52 -24.95 8.57
N GLY B 233 32.04 -24.49 7.44
CA GLY B 233 32.49 -25.38 6.38
C GLY B 233 31.42 -26.06 5.55
N ALA B 234 30.18 -25.58 5.64
CA ALA B 234 29.09 -26.18 4.87
C ALA B 234 28.89 -25.44 3.55
N THR B 235 28.22 -26.07 2.60
CA THR B 235 27.96 -25.42 1.32
C THR B 235 27.22 -24.12 1.62
N PRO B 236 27.76 -22.99 1.15
CA PRO B 236 27.16 -21.67 1.37
C PRO B 236 25.92 -21.34 0.53
N SER B 237 25.01 -22.29 0.41
CA SER B 237 23.79 -22.09 -0.35
C SER B 237 22.71 -23.11 -0.01
N LEU B 238 21.47 -22.73 -0.29
CA LEU B 238 20.30 -23.56 -0.04
C LEU B 238 19.37 -23.35 -1.21
N PRO B 239 18.67 -24.41 -1.65
CA PRO B 239 17.77 -24.19 -2.79
C PRO B 239 16.40 -23.70 -2.30
N ILE B 240 15.72 -22.91 -3.13
CA ILE B 240 14.39 -22.42 -2.80
C ILE B 240 13.51 -22.91 -3.94
N THR B 241 12.39 -23.56 -3.64
CA THR B 241 11.52 -24.07 -4.69
C THR B 241 10.13 -23.50 -4.57
N VAL B 242 9.56 -23.10 -5.71
CA VAL B 242 8.23 -22.53 -5.75
C VAL B 242 7.25 -23.43 -6.50
N THR B 243 6.16 -23.79 -5.83
CA THR B 243 5.13 -24.63 -6.43
C THR B 243 3.80 -23.88 -6.38
N ILE B 244 3.16 -23.73 -7.54
CA ILE B 244 1.90 -23.00 -7.64
C ILE B 244 0.79 -23.80 -8.28
N ALA B 245 -0.41 -23.70 -7.72
CA ALA B 245 -1.56 -24.43 -8.26
C ALA B 245 -2.75 -23.50 -8.46
N PRO B 246 -3.26 -23.41 -9.70
CA PRO B 246 -4.41 -22.54 -9.96
C PRO B 246 -5.66 -23.18 -9.35
N MET B 247 -6.66 -22.37 -9.02
CA MET B 247 -7.90 -22.92 -8.48
C MET B 247 -9.10 -22.06 -8.88
N CYS B 248 -10.23 -22.72 -9.15
CA CYS B 248 -11.45 -22.02 -9.57
C CYS B 248 -11.15 -21.25 -10.84
N THR B 249 -10.42 -21.90 -11.74
CA THR B 249 -10.02 -21.33 -13.00
C THR B 249 -11.15 -21.38 -14.05
N GLU B 250 -11.40 -20.24 -14.68
CA GLU B 250 -12.44 -20.12 -15.71
C GLU B 250 -11.81 -19.50 -16.95
N PHE B 251 -12.15 -20.02 -18.11
CA PHE B 251 -11.64 -19.47 -19.36
C PHE B 251 -12.84 -19.09 -20.20
N SER B 252 -12.72 -18.00 -20.96
CA SER B 252 -13.84 -17.54 -21.76
C SER B 252 -13.42 -16.92 -23.08
N GLY B 253 -14.28 -17.06 -24.09
CA GLY B 253 -13.98 -16.49 -25.40
C GLY B 253 -12.87 -17.24 -26.11
N ILE B 254 -13.10 -18.51 -26.42
CA ILE B 254 -12.09 -19.30 -27.10
C ILE B 254 -12.01 -18.92 -28.58
N ARG B 255 -10.79 -18.87 -29.09
CA ARG B 255 -10.56 -18.52 -30.49
C ARG B 255 -9.23 -19.17 -30.88
N SER B 256 -8.56 -18.60 -31.88
CA SER B 256 -7.25 -19.11 -32.31
C SER B 256 -6.22 -18.83 -31.22
N LYS B 257 -5.07 -19.47 -31.29
CA LYS B 257 -4.05 -19.25 -30.27
C LYS B 257 -3.40 -17.89 -30.42
N SER B 258 -3.23 -17.23 -29.29
CA SER B 258 -2.64 -15.92 -29.21
C SER B 258 -1.12 -15.96 -29.45
N ILE B 259 -0.59 -14.91 -30.06
CA ILE B 259 0.85 -14.81 -30.30
C ILE B 259 1.37 -13.61 -29.52
N VAL B 260 2.30 -13.85 -28.59
CA VAL B 260 2.80 -12.75 -27.77
C VAL B 260 4.26 -12.37 -28.03
N PRO B 261 4.60 -11.11 -27.73
CA PRO B 261 5.94 -10.55 -27.90
C PRO B 261 7.02 -11.53 -27.55
N GLN B 262 7.79 -11.91 -28.56
CA GLN B 262 8.91 -12.84 -28.41
C GLN B 262 8.49 -14.21 -27.85
N GLY C 1 -40.59 36.75 -4.15
CA GLY C 1 -39.17 36.47 -3.80
C GLY C 1 -38.88 36.50 -2.31
N LEU C 2 -38.43 35.35 -1.79
CA LEU C 2 -38.10 35.19 -0.38
C LEU C 2 -36.95 36.09 0.07
N PRO C 3 -37.21 36.98 1.04
CA PRO C 3 -36.18 37.89 1.55
C PRO C 3 -35.05 37.13 2.26
N THR C 4 -33.82 37.40 1.85
CA THR C 4 -32.65 36.75 2.45
C THR C 4 -31.54 37.74 2.77
N THR C 5 -30.59 37.30 3.57
CA THR C 5 -29.45 38.13 3.96
C THR C 5 -28.22 37.24 3.88
N THR C 6 -27.28 37.57 3.00
CA THR C 6 -26.09 36.74 2.87
C THR C 6 -25.10 37.01 3.99
N LEU C 7 -24.60 35.94 4.59
CA LEU C 7 -23.67 36.05 5.72
C LEU C 7 -22.21 36.06 5.28
N PRO C 8 -21.33 36.57 6.16
CA PRO C 8 -19.91 36.60 5.81
C PRO C 8 -19.46 35.17 5.53
N GLY C 9 -18.61 35.02 4.52
CA GLY C 9 -18.15 33.71 4.14
C GLY C 9 -18.73 33.36 2.79
N SER C 10 -19.84 34.01 2.43
CA SER C 10 -20.47 33.76 1.14
C SER C 10 -19.43 33.88 0.03
N GLY C 11 -19.43 32.91 -0.88
CA GLY C 11 -18.48 32.94 -1.98
C GLY C 11 -17.18 32.19 -1.74
N GLN C 12 -16.87 31.94 -0.47
CA GLN C 12 -15.63 31.25 -0.14
C GLN C 12 -15.60 29.81 -0.58
N PHE C 13 -14.39 29.31 -0.77
CA PHE C 13 -14.16 27.93 -1.14
C PHE C 13 -13.34 27.33 -0.01
N LEU C 14 -14.02 26.57 0.86
CA LEU C 14 -13.37 25.90 1.98
C LEU C 14 -13.14 24.48 1.52
N THR C 15 -11.87 24.12 1.27
CA THR C 15 -11.51 22.78 0.78
C THR C 15 -12.08 21.65 1.61
N THR C 16 -12.56 22.00 2.80
CA THR C 16 -13.09 21.03 3.74
C THR C 16 -14.62 20.93 3.82
N ASP C 17 -15.33 21.91 3.27
CA ASP C 17 -16.79 21.89 3.30
C ASP C 17 -17.30 20.64 2.59
N ASP C 18 -18.54 20.27 2.90
CA ASP C 18 -19.16 19.08 2.32
C ASP C 18 -20.60 19.36 1.90
N ARG C 19 -20.78 20.02 0.76
CA ARG C 19 -22.13 20.35 0.29
C ARG C 19 -22.50 19.61 -0.99
N GLN C 20 -23.74 19.83 -1.43
CA GLN C 20 -24.21 19.21 -2.66
C GLN C 20 -23.80 20.11 -3.81
N SER C 21 -23.80 19.55 -5.01
CA SER C 21 -23.42 20.30 -6.21
C SER C 21 -24.06 19.62 -7.40
N PRO C 22 -24.39 20.39 -8.44
CA PRO C 22 -25.02 19.78 -9.62
C PRO C 22 -24.11 18.79 -10.34
N SER C 23 -24.70 17.73 -10.89
CA SER C 23 -23.93 16.73 -11.62
C SER C 23 -23.74 17.19 -13.05
N ALA C 24 -22.49 17.14 -13.53
CA ALA C 24 -22.18 17.55 -14.89
C ALA C 24 -22.59 16.48 -15.91
N LEU C 25 -22.86 15.27 -15.43
CA LEU C 25 -23.26 14.16 -16.29
C LEU C 25 -24.60 13.59 -15.81
N PRO C 26 -25.69 14.31 -16.09
CA PRO C 26 -27.01 13.85 -15.66
C PRO C 26 -27.41 12.57 -16.36
N ASN C 27 -28.08 11.70 -15.61
CA ASN C 27 -28.56 10.43 -16.11
C ASN C 27 -27.49 9.40 -16.46
N TYR C 28 -26.23 9.69 -16.14
CA TYR C 28 -25.16 8.75 -16.41
C TYR C 28 -25.34 7.57 -15.45
N GLU C 29 -25.17 6.35 -15.96
CA GLU C 29 -25.31 5.16 -15.12
C GLU C 29 -23.97 4.50 -14.89
N PRO C 30 -23.39 4.69 -13.70
CA PRO C 30 -22.08 4.08 -13.41
C PRO C 30 -22.06 2.56 -13.49
N THR C 31 -20.87 2.03 -13.74
CA THR C 31 -20.65 0.60 -13.84
C THR C 31 -21.04 -0.11 -12.54
N PRO C 32 -21.66 -1.30 -12.65
CA PRO C 32 -22.08 -2.09 -11.49
C PRO C 32 -20.89 -2.43 -10.61
N ARG C 33 -21.12 -2.56 -9.30
CA ARG C 33 -20.05 -2.95 -8.40
C ARG C 33 -19.94 -4.46 -8.47
N ILE C 34 -18.73 -4.98 -8.33
CA ILE C 34 -18.56 -6.42 -8.31
C ILE C 34 -17.81 -6.64 -7.02
N HIS C 35 -17.73 -7.88 -6.57
CA HIS C 35 -17.01 -8.12 -5.33
C HIS C 35 -15.51 -8.05 -5.51
N ILE C 36 -14.84 -7.34 -4.60
CA ILE C 36 -13.40 -7.23 -4.63
C ILE C 36 -12.93 -7.46 -3.20
N PRO C 37 -12.08 -8.47 -2.99
CA PRO C 37 -11.61 -8.72 -1.63
C PRO C 37 -10.73 -7.59 -1.08
N GLY C 38 -10.54 -7.58 0.23
CA GLY C 38 -9.69 -6.59 0.86
C GLY C 38 -10.18 -5.15 0.97
N LYS C 39 -11.47 -4.96 1.20
CA LYS C 39 -12.02 -3.61 1.33
C LYS C 39 -11.57 -2.95 2.63
N VAL C 40 -11.19 -1.67 2.53
CA VAL C 40 -10.75 -0.91 3.69
C VAL C 40 -11.74 0.20 3.98
N HIS C 41 -12.17 0.32 5.23
CA HIS C 41 -13.13 1.35 5.60
C HIS C 41 -12.50 2.47 6.42
N ASN C 42 -11.53 2.11 7.25
CA ASN C 42 -10.90 3.08 8.13
C ASN C 42 -9.39 2.85 8.22
N LEU C 43 -8.61 3.93 8.24
CA LEU C 43 -7.16 3.79 8.32
C LEU C 43 -6.76 3.12 9.63
N LEU C 44 -7.62 3.20 10.64
CA LEU C 44 -7.33 2.58 11.92
C LEU C 44 -7.35 1.05 11.78
N GLU C 45 -7.96 0.56 10.70
CA GLU C 45 -8.01 -0.87 10.45
C GLU C 45 -6.60 -1.32 10.06
N ILE C 46 -6.02 -0.67 9.07
CA ILE C 46 -4.70 -1.06 8.60
C ILE C 46 -3.50 -0.75 9.48
N ILE C 47 -3.55 0.23 10.37
CA ILE C 47 -2.36 0.45 11.18
C ILE C 47 -2.23 -0.60 12.28
N GLN C 48 -3.17 -1.54 12.30
CA GLN C 48 -3.12 -2.61 13.29
C GLN C 48 -2.33 -3.79 12.74
N VAL C 49 -1.96 -3.70 11.47
CA VAL C 49 -1.15 -4.72 10.80
C VAL C 49 0.28 -4.27 11.02
N ASP C 50 1.15 -5.12 11.55
CA ASP C 50 2.49 -4.61 11.72
C ASP C 50 3.41 -4.78 10.53
N THR C 51 4.36 -3.85 10.45
CA THR C 51 5.36 -3.78 9.41
C THR C 51 6.73 -3.70 10.10
N LEU C 52 7.79 -3.98 9.34
CA LEU C 52 9.16 -3.96 9.87
C LEU C 52 9.67 -2.55 10.16
N ILE C 53 10.40 -2.44 11.27
CA ILE C 53 10.99 -1.17 11.67
C ILE C 53 12.46 -1.16 11.26
N PRO C 54 12.91 -0.08 10.61
CA PRO C 54 14.33 -0.05 10.22
C PRO C 54 15.11 0.45 11.44
N MET C 55 15.12 -0.36 12.50
CA MET C 55 15.79 -0.04 13.75
C MET C 55 17.27 0.27 13.61
N ASN C 56 17.94 -0.52 12.78
CA ASN C 56 19.37 -0.38 12.55
C ASN C 56 19.62 0.58 11.38
N ASN C 57 19.04 1.76 11.46
CA ASN C 57 19.19 2.79 10.42
C ASN C 57 20.53 3.50 10.60
N THR C 58 21.58 2.72 10.74
CA THR C 58 22.93 3.24 10.94
C THR C 58 23.76 3.18 9.67
N HIS C 59 23.13 2.92 8.54
CA HIS C 59 23.86 2.82 7.30
C HIS C 59 23.93 4.08 6.47
N THR C 60 24.91 4.06 5.56
CA THR C 60 25.18 5.15 4.65
C THR C 60 24.03 5.41 3.68
N LYS C 61 23.32 4.35 3.31
CA LYS C 61 22.18 4.48 2.40
C LYS C 61 21.08 3.53 2.90
N ASP C 62 19.92 3.56 2.25
CA ASP C 62 18.85 2.67 2.67
C ASP C 62 19.21 1.26 2.24
N GLU C 63 18.93 0.26 3.07
CA GLU C 63 19.21 -1.13 2.70
C GLU C 63 18.60 -2.15 3.63
N VAL C 64 18.41 -3.35 3.10
CA VAL C 64 17.81 -4.44 3.86
C VAL C 64 18.39 -4.53 5.26
N ASN C 65 19.69 -4.23 5.39
CA ASN C 65 20.34 -4.28 6.69
C ASN C 65 19.79 -3.32 7.71
N SER C 66 19.15 -2.26 7.24
CA SER C 66 18.58 -1.27 8.14
C SER C 66 17.51 -1.91 9.03
N TYR C 67 16.97 -3.05 8.58
CA TYR C 67 15.94 -3.77 9.32
C TYR C 67 16.50 -4.88 10.20
N LEU C 68 17.78 -5.17 10.07
CA LEU C 68 18.39 -6.23 10.86
C LEU C 68 19.06 -5.72 12.13
N ILE C 69 18.57 -6.18 13.28
CA ILE C 69 19.13 -5.78 14.57
C ILE C 69 20.14 -6.84 14.98
N PRO C 70 21.43 -6.47 14.97
CA PRO C 70 22.49 -7.41 15.34
C PRO C 70 22.47 -7.82 16.81
N LEU C 71 22.69 -9.11 17.05
CA LEU C 71 22.71 -9.69 18.39
C LEU C 71 24.06 -10.41 18.51
N ASN C 72 24.80 -10.17 19.58
CA ASN C 72 26.11 -10.79 19.74
C ASN C 72 26.23 -11.85 20.81
N ALA C 73 26.89 -12.94 20.43
CA ALA C 73 27.06 -14.07 21.32
C ALA C 73 27.97 -13.73 22.50
N ASN C 74 27.65 -14.38 23.62
CA ASN C 74 28.40 -14.20 24.86
C ASN C 74 28.71 -12.79 25.29
N ARG C 75 27.67 -11.96 25.27
CA ARG C 75 27.75 -10.57 25.71
C ARG C 75 26.76 -10.66 26.87
N GLN C 76 27.00 -9.93 27.93
CA GLN C 76 26.15 -10.01 29.11
C GLN C 76 25.67 -8.72 29.77
N ASN C 77 24.35 -8.51 29.81
CA ASN C 77 23.70 -7.34 30.43
C ASN C 77 23.86 -6.05 29.60
N GLU C 78 24.50 -6.19 28.45
CA GLU C 78 24.79 -5.11 27.50
C GLU C 78 23.51 -4.69 26.74
N GLN C 79 23.51 -3.48 26.18
CA GLN C 79 22.34 -2.99 25.45
C GLN C 79 22.30 -3.46 23.99
N VAL C 80 21.13 -3.89 23.52
CA VAL C 80 20.96 -4.38 22.16
C VAL C 80 20.53 -3.28 21.20
N PHE C 81 19.63 -2.41 21.64
CA PHE C 81 19.18 -1.30 20.82
C PHE C 81 18.38 -0.32 21.68
N GLY C 82 18.17 0.88 21.14
CA GLY C 82 17.42 1.88 21.86
C GLY C 82 16.81 2.87 20.90
N THR C 83 15.77 3.57 21.33
CA THR C 83 15.11 4.56 20.50
C THR C 83 14.08 5.30 21.32
N ASN C 84 13.84 6.56 20.98
CA ASN C 84 12.83 7.32 21.69
C ASN C 84 11.52 6.90 21.01
N LEU C 85 10.38 7.34 21.54
CA LEU C 85 9.13 6.94 20.94
C LEU C 85 8.35 7.99 20.19
N PHE C 86 9.05 8.82 19.41
CA PHE C 86 8.37 9.79 18.58
C PHE C 86 8.02 8.99 17.34
N ILE C 87 6.84 8.39 17.34
CA ILE C 87 6.40 7.56 16.23
C ILE C 87 6.27 8.27 14.90
N GLY C 88 6.28 9.60 14.90
CA GLY C 88 6.16 10.32 13.65
C GLY C 88 7.50 10.76 13.10
N ASP C 89 8.57 10.17 13.61
CA ASP C 89 9.92 10.53 13.18
C ASP C 89 10.88 9.40 13.55
N GLY C 90 12.17 9.62 13.35
CA GLY C 90 13.15 8.60 13.68
C GLY C 90 12.97 7.30 12.92
N VAL C 91 13.24 6.18 13.58
CA VAL C 91 13.10 4.87 12.94
C VAL C 91 11.68 4.60 12.42
N PHE C 92 10.69 5.08 13.16
CA PHE C 92 9.28 4.88 12.82
C PHE C 92 8.77 5.64 11.61
N LYS C 93 9.38 6.77 11.30
CA LYS C 93 8.92 7.62 10.20
C LYS C 93 8.55 6.96 8.87
N THR C 94 9.24 5.91 8.46
CA THR C 94 8.95 5.25 7.19
C THR C 94 8.01 4.05 7.25
N THR C 95 7.73 3.57 8.46
CA THR C 95 6.85 2.42 8.67
C THR C 95 5.40 2.74 8.34
N LEU C 96 4.58 1.72 8.11
CA LEU C 96 3.19 1.97 7.79
C LEU C 96 2.53 2.79 8.90
N LEU C 97 2.82 2.44 10.15
CA LEU C 97 2.26 3.18 11.28
C LEU C 97 2.69 4.63 11.20
N GLY C 98 4.00 4.84 11.12
CA GLY C 98 4.52 6.20 11.06
C GLY C 98 3.99 6.97 9.87
N GLU C 99 3.92 6.31 8.73
CA GLU C 99 3.44 6.95 7.53
C GLU C 99 2.00 7.44 7.69
N ILE C 100 1.11 6.57 8.18
CA ILE C 100 -0.29 6.95 8.38
C ILE C 100 -0.44 7.97 9.51
N VAL C 101 0.28 7.73 10.60
CA VAL C 101 0.24 8.63 11.74
C VAL C 101 0.55 10.07 11.31
N GLN C 102 1.44 10.23 10.35
CA GLN C 102 1.82 11.56 9.88
C GLN C 102 0.74 12.28 9.08
N TYR C 103 -0.33 11.58 8.75
CA TYR C 103 -1.43 12.21 8.02
C TYR C 103 -2.39 12.87 9.02
N TYR C 104 -2.04 12.77 10.31
CA TYR C 104 -2.84 13.35 11.38
C TYR C 104 -1.98 14.08 12.40
N THR C 105 -2.56 15.08 13.07
CA THR C 105 -1.82 15.87 14.05
C THR C 105 -1.72 15.26 15.45
N HIS C 106 -2.81 14.63 15.90
CA HIS C 106 -2.86 14.02 17.23
C HIS C 106 -2.94 12.51 17.21
N TRP C 107 -2.41 11.87 18.24
CA TRP C 107 -2.51 10.43 18.38
C TRP C 107 -2.62 10.08 19.85
N SER C 108 -3.15 8.89 20.12
CA SER C 108 -3.31 8.39 21.47
C SER C 108 -3.54 6.90 21.35
N GLY C 109 -3.32 6.18 22.45
CA GLY C 109 -3.52 4.74 22.40
C GLY C 109 -2.27 3.96 22.69
N SER C 110 -2.35 2.64 22.57
CA SER C 110 -1.19 1.80 22.85
C SER C 110 -0.55 1.24 21.60
N LEU C 111 0.77 1.15 21.64
CA LEU C 111 1.55 0.62 20.52
C LEU C 111 1.91 -0.84 20.73
N ARG C 112 2.01 -1.58 19.63
CA ARG C 112 2.37 -2.99 19.68
C ARG C 112 3.74 -3.16 19.00
N PHE C 113 4.74 -3.39 19.83
CA PHE C 113 6.12 -3.57 19.38
C PHE C 113 6.53 -5.02 19.55
N SER C 114 6.94 -5.69 18.48
CA SER C 114 7.35 -7.06 18.63
C SER C 114 8.72 -7.37 17.99
N LEU C 115 9.35 -8.45 18.48
CA LEU C 115 10.65 -8.88 17.99
C LEU C 115 10.61 -10.35 17.60
N MET C 116 11.13 -10.67 16.42
CA MET C 116 11.17 -12.05 15.96
C MET C 116 12.63 -12.50 15.84
N TYR C 117 12.99 -13.58 16.53
CA TYR C 117 14.34 -14.11 16.51
C TYR C 117 14.59 -14.91 15.23
N THR C 118 15.74 -14.73 14.60
CA THR C 118 16.04 -15.46 13.37
C THR C 118 17.30 -16.34 13.47
N GLY C 119 17.94 -16.34 14.64
CA GLY C 119 19.14 -17.13 14.84
C GLY C 119 18.89 -18.63 14.78
N PRO C 120 19.92 -19.44 14.52
CA PRO C 120 19.75 -20.91 14.45
C PRO C 120 18.88 -21.53 15.54
N ALA C 121 18.11 -22.54 15.16
CA ALA C 121 17.23 -23.24 16.08
C ALA C 121 17.94 -23.77 17.32
N LEU C 122 19.16 -24.29 17.14
CA LEU C 122 19.91 -24.84 18.25
C LEU C 122 20.62 -23.82 19.14
N SER C 123 20.32 -22.54 18.93
CA SER C 123 20.92 -21.48 19.74
C SER C 123 19.90 -21.06 20.79
N SER C 124 20.34 -20.33 21.81
CA SER C 124 19.42 -19.87 22.86
C SER C 124 19.73 -18.45 23.29
N ALA C 125 18.77 -17.81 23.97
CA ALA C 125 18.96 -16.45 24.43
C ALA C 125 17.77 -15.96 25.25
N LYS C 126 18.05 -15.01 26.14
CA LYS C 126 17.03 -14.39 26.96
C LYS C 126 17.31 -12.89 26.93
N LEU C 127 16.38 -12.14 26.36
CA LEU C 127 16.53 -10.69 26.27
C LEU C 127 15.46 -10.03 27.13
N ILE C 128 15.59 -8.73 27.31
CA ILE C 128 14.62 -8.00 28.10
C ILE C 128 14.29 -6.68 27.38
N LEU C 129 13.03 -6.52 27.00
CA LEU C 129 12.58 -5.29 26.33
C LEU C 129 12.04 -4.39 27.41
N ALA C 130 12.21 -3.09 27.25
CA ALA C 130 11.73 -2.17 28.27
C ALA C 130 11.23 -0.85 27.75
N TYR C 131 10.08 -0.45 28.27
CA TYR C 131 9.47 0.82 27.92
C TYR C 131 9.67 1.75 29.12
N THR C 132 10.24 2.91 28.88
CA THR C 132 10.49 3.87 29.94
C THR C 132 9.55 5.04 29.71
N PRO C 133 8.49 5.16 30.53
CA PRO C 133 7.55 6.28 30.35
C PRO C 133 8.22 7.63 30.55
N PRO C 134 7.69 8.67 29.90
CA PRO C 134 8.24 10.02 29.98
C PRO C 134 8.49 10.52 31.40
N GLY C 135 9.47 11.42 31.55
CA GLY C 135 9.76 11.96 32.86
C GLY C 135 11.20 11.73 33.29
N ALA C 136 11.79 10.67 32.78
CA ALA C 136 13.18 10.34 33.09
C ALA C 136 13.87 10.07 31.76
N ARG C 137 15.18 9.93 31.80
CA ARG C 137 15.96 9.69 30.59
C ARG C 137 15.89 8.26 30.09
N GLY C 138 16.38 8.03 28.87
CA GLY C 138 16.40 6.68 28.32
C GLY C 138 17.39 5.90 29.17
N PRO C 139 17.00 4.71 29.65
CA PRO C 139 17.88 3.88 30.50
C PRO C 139 19.28 3.68 29.95
N GLN C 140 20.27 3.75 30.84
CA GLN C 140 21.66 3.59 30.42
C GLN C 140 22.28 2.24 30.75
N ASP C 141 21.55 1.42 31.48
CA ASP C 141 22.00 0.08 31.82
C ASP C 141 20.76 -0.74 32.14
N ARG C 142 20.87 -2.05 32.01
CA ARG C 142 19.72 -2.92 32.25
C ARG C 142 18.96 -2.64 33.54
N ARG C 143 19.68 -2.43 34.64
CA ARG C 143 19.02 -2.17 35.92
C ARG C 143 18.05 -1.02 35.81
N GLU C 144 18.53 0.10 35.26
CA GLU C 144 17.69 1.29 35.10
C GLU C 144 16.44 1.00 34.27
N ALA C 145 16.63 0.25 33.18
CA ALA C 145 15.54 -0.12 32.29
C ALA C 145 14.49 -1.01 32.96
N MET C 146 14.97 -2.06 33.61
CA MET C 146 14.13 -3.03 34.29
C MET C 146 13.18 -2.44 35.34
N LEU C 147 13.48 -1.23 35.83
CA LEU C 147 12.66 -0.59 36.84
C LEU C 147 11.31 -0.08 36.32
N GLY C 148 11.12 -0.13 35.00
CA GLY C 148 9.88 0.33 34.39
C GLY C 148 9.20 -0.79 33.63
N THR C 149 8.19 -0.46 32.83
CA THR C 149 7.47 -1.46 32.06
C THR C 149 8.44 -2.30 31.23
N HIS C 150 8.39 -3.62 31.41
CA HIS C 150 9.28 -4.49 30.65
C HIS C 150 8.78 -5.91 30.48
N VAL C 151 9.46 -6.65 29.62
CA VAL C 151 9.15 -8.03 29.31
C VAL C 151 10.43 -8.85 29.18
N VAL C 152 10.52 -9.97 29.89
CA VAL C 152 11.69 -10.83 29.77
C VAL C 152 11.30 -11.86 28.73
N TRP C 153 12.02 -11.84 27.61
CA TRP C 153 11.74 -12.74 26.50
C TRP C 153 12.64 -13.95 26.41
N ASP C 154 12.05 -15.13 26.42
CA ASP C 154 12.84 -16.36 26.30
C ASP C 154 12.72 -16.87 24.87
N ILE C 155 13.83 -16.82 24.13
CA ILE C 155 13.85 -17.30 22.75
C ILE C 155 13.52 -18.79 22.76
N GLY C 156 12.62 -19.21 21.89
CA GLY C 156 12.26 -20.60 21.85
C GLY C 156 11.42 -20.97 20.65
N LEU C 157 10.66 -22.05 20.77
CA LEU C 157 9.81 -22.53 19.70
C LEU C 157 8.93 -21.42 19.12
N GLN C 158 8.31 -20.63 20.00
CA GLN C 158 7.50 -19.50 19.58
C GLN C 158 8.57 -18.44 19.29
N SER C 159 8.72 -18.09 18.02
CA SER C 159 9.75 -17.16 17.60
C SER C 159 9.60 -15.68 17.91
N THR C 160 8.37 -15.23 18.10
CA THR C 160 8.13 -13.80 18.33
C THR C 160 7.63 -13.39 19.71
N ILE C 161 8.19 -12.30 20.23
CA ILE C 161 7.76 -11.78 21.53
C ILE C 161 7.01 -10.49 21.18
N VAL C 162 5.87 -10.27 21.85
CA VAL C 162 5.10 -9.07 21.58
C VAL C 162 4.98 -8.24 22.83
N MET C 163 5.70 -7.13 22.87
CA MET C 163 5.62 -6.26 24.02
C MET C 163 4.76 -5.07 23.65
N THR C 164 3.76 -4.83 24.47
CA THR C 164 2.86 -3.74 24.21
C THR C 164 3.43 -2.51 24.92
N ILE C 165 3.23 -1.33 24.34
CA ILE C 165 3.67 -0.09 24.97
C ILE C 165 2.39 0.60 25.40
N PRO C 166 1.87 0.22 26.58
CA PRO C 166 0.63 0.78 27.13
C PRO C 166 0.59 2.30 27.18
N TRP C 167 -0.52 2.87 26.72
CA TRP C 167 -0.72 4.30 26.73
C TRP C 167 -0.46 4.83 28.14
N THR C 168 0.67 5.50 28.33
CA THR C 168 1.05 6.05 29.62
C THR C 168 1.20 7.56 29.51
N SER C 169 0.14 8.29 29.84
CA SER C 169 0.17 9.74 29.72
C SER C 169 -0.81 10.48 30.61
N GLY C 170 -0.53 11.75 30.82
CA GLY C 170 -1.41 12.59 31.61
C GLY C 170 -2.43 13.18 30.66
N VAL C 171 -1.95 14.03 29.74
CA VAL C 171 -2.82 14.63 28.73
C VAL C 171 -3.26 13.43 27.91
N GLN C 172 -4.51 13.42 27.46
CA GLN C 172 -4.99 12.26 26.73
C GLN C 172 -4.71 12.16 25.24
N PHE C 173 -3.85 13.02 24.73
CA PHE C 173 -3.47 13.01 23.31
C PHE C 173 -2.09 13.61 23.14
N ARG C 174 -1.28 13.05 22.24
CA ARG C 174 0.05 13.58 21.97
C ARG C 174 0.10 14.07 20.52
N TYR C 175 1.12 14.86 20.19
CA TYR C 175 1.29 15.36 18.83
C TYR C 175 2.11 14.36 18.03
N THR C 176 1.79 14.17 16.76
CA THR C 176 2.56 13.24 15.94
C THR C 176 3.90 13.89 15.65
N ASP C 177 3.86 15.21 15.45
CA ASP C 177 5.09 15.97 15.20
C ASP C 177 5.85 15.97 16.52
N PRO C 178 7.12 15.55 16.50
CA PRO C 178 7.90 15.53 17.75
C PRO C 178 7.77 16.79 18.58
N ASP C 179 7.21 16.62 19.78
CA ASP C 179 6.99 17.72 20.73
C ASP C 179 7.38 17.25 22.14
N THR C 180 8.18 18.04 22.83
CA THR C 180 8.63 17.66 24.16
C THR C 180 7.54 17.43 25.22
N TYR C 181 6.61 18.37 25.36
CA TYR C 181 5.54 18.21 26.35
C TYR C 181 4.85 16.86 26.17
N THR C 182 4.60 16.51 24.91
CA THR C 182 3.91 15.26 24.58
C THR C 182 4.83 14.09 24.22
N SER C 183 6.06 14.07 24.74
CA SER C 183 6.96 12.96 24.43
C SER C 183 6.38 11.66 24.97
N ALA C 184 6.65 10.54 24.29
CA ALA C 184 6.13 9.25 24.69
C ALA C 184 7.07 8.38 25.52
N GLY C 185 8.33 8.76 25.62
CA GLY C 185 9.27 7.96 26.40
C GLY C 185 10.31 7.25 25.56
N PHE C 186 10.87 6.17 26.09
CA PHE C 186 11.92 5.43 25.39
C PHE C 186 11.73 3.93 25.37
N LEU C 187 12.27 3.30 24.33
CA LEU C 187 12.20 1.86 24.16
C LEU C 187 13.64 1.32 24.09
N SER C 188 13.92 0.29 24.87
CA SER C 188 15.26 -0.30 24.90
C SER C 188 15.21 -1.82 25.05
N CYS C 189 16.31 -2.48 24.70
CA CYS C 189 16.39 -3.94 24.80
C CYS C 189 17.77 -4.30 25.31
N TRP C 190 17.85 -5.27 26.21
CA TRP C 190 19.13 -5.68 26.80
C TRP C 190 19.23 -7.20 26.88
N TYR C 191 20.42 -7.68 27.24
CA TYR C 191 20.64 -9.11 27.40
C TYR C 191 20.22 -9.47 28.82
N GLN C 192 19.29 -10.42 28.96
CA GLN C 192 18.85 -10.86 30.29
C GLN C 192 19.91 -11.86 30.78
N THR C 193 20.30 -12.79 29.89
CA THR C 193 21.35 -13.79 30.12
C THR C 193 22.13 -13.45 28.83
N SER C 194 22.73 -14.41 28.13
CA SER C 194 23.36 -14.01 26.87
C SER C 194 22.90 -14.88 25.70
N LEU C 195 23.35 -14.54 24.49
CA LEU C 195 23.01 -15.31 23.30
C LEU C 195 24.04 -16.44 23.28
N ILE C 196 23.59 -17.68 23.08
CA ILE C 196 24.52 -18.80 23.06
C ILE C 196 24.37 -19.54 21.73
N LEU C 197 25.47 -19.74 21.01
CA LEU C 197 25.39 -20.44 19.74
C LEU C 197 25.85 -21.88 19.91
N PRO C 198 25.37 -22.77 19.04
CA PRO C 198 25.76 -24.18 19.14
C PRO C 198 27.10 -24.40 18.43
N PRO C 199 27.67 -25.61 18.55
CA PRO C 199 28.95 -25.91 17.91
C PRO C 199 28.85 -25.74 16.39
N GLU C 200 29.98 -25.48 15.75
CA GLU C 200 30.03 -25.30 14.29
C GLU C 200 29.19 -24.12 13.79
N THR C 201 28.87 -23.20 14.67
CA THR C 201 28.07 -22.04 14.29
C THR C 201 28.80 -20.76 14.63
N THR C 202 28.95 -19.88 13.65
CA THR C 202 29.65 -18.61 13.87
C THR C 202 28.95 -17.44 13.23
N GLY C 203 27.99 -17.73 12.35
CA GLY C 203 27.26 -16.68 11.65
C GLY C 203 26.63 -15.65 12.57
N GLN C 204 26.40 -14.45 12.04
CA GLN C 204 25.78 -13.36 12.81
C GLN C 204 24.31 -13.66 13.05
N VAL C 205 23.80 -13.27 14.21
CA VAL C 205 22.40 -13.50 14.55
C VAL C 205 21.65 -12.17 14.53
N TYR C 206 20.48 -12.15 13.89
CA TYR C 206 19.69 -10.93 13.81
C TYR C 206 18.28 -11.01 14.39
N LEU C 207 17.73 -9.84 14.71
CA LEU C 207 16.38 -9.74 15.22
C LEU C 207 15.61 -8.87 14.24
N LEU C 208 14.33 -9.18 14.05
CA LEU C 208 13.48 -8.38 13.18
C LEU C 208 12.47 -7.71 14.12
N SER C 209 12.30 -6.40 14.01
CA SER C 209 11.36 -5.70 14.88
C SER C 209 10.18 -5.16 14.07
N PHE C 210 8.99 -5.25 14.68
CA PHE C 210 7.78 -4.78 14.02
C PHE C 210 7.05 -3.77 14.90
N ILE C 211 6.23 -2.93 14.26
CA ILE C 211 5.45 -1.93 14.98
C ILE C 211 4.05 -1.87 14.39
N SER C 212 3.05 -1.82 15.27
CA SER C 212 1.65 -1.71 14.87
C SER C 212 0.86 -1.08 16.01
N ALA C 213 -0.40 -0.74 15.76
CA ALA C 213 -1.23 -0.13 16.78
C ALA C 213 -2.24 -1.12 17.38
N CYS C 214 -2.63 -0.88 18.64
CA CYS C 214 -3.61 -1.73 19.30
C CYS C 214 -4.97 -1.13 18.98
N PRO C 215 -6.05 -1.88 19.23
CA PRO C 215 -7.40 -1.34 18.95
C PRO C 215 -7.64 -0.06 19.79
N ASP C 216 -6.78 0.07 20.79
CA ASP C 216 -6.70 1.19 21.73
C ASP C 216 -6.64 2.52 20.96
N PHE C 217 -5.82 2.52 19.91
CA PHE C 217 -5.49 3.65 19.05
C PHE C 217 -6.51 4.65 18.53
N LYS C 218 -6.07 5.91 18.45
CA LYS C 218 -6.87 7.06 17.99
C LYS C 218 -5.97 8.09 17.25
N LEU C 219 -6.48 8.70 16.17
CA LEU C 219 -5.73 9.73 15.42
C LEU C 219 -6.70 10.87 15.12
N ARG C 220 -6.25 12.11 15.28
CA ARG C 220 -7.10 13.27 15.03
C ARG C 220 -6.45 14.39 14.23
N LEU C 221 -7.31 15.25 13.68
CA LEU C 221 -6.92 16.44 12.92
C LEU C 221 -6.03 16.13 11.73
N MET C 222 -6.66 15.73 10.64
CA MET C 222 -6.00 15.38 9.41
C MET C 222 -5.18 16.55 8.88
N LYS C 223 -3.98 16.24 8.39
CA LYS C 223 -3.08 17.26 7.86
C LYS C 223 -2.14 16.66 6.81
N ASP C 224 -1.44 17.53 6.09
CA ASP C 224 -0.51 17.05 5.08
C ASP C 224 0.75 16.46 5.67
N THR C 225 1.35 15.51 4.95
CA THR C 225 2.54 14.82 5.41
C THR C 225 3.84 15.36 4.85
N GLN C 226 4.90 15.28 5.65
CA GLN C 226 6.23 15.73 5.26
C GLN C 226 6.94 14.64 4.46
N THR C 227 6.25 13.54 4.20
CA THR C 227 6.86 12.43 3.50
C THR C 227 6.72 12.39 1.99
N ILE C 228 6.41 13.52 1.37
CA ILE C 228 6.25 13.57 -0.08
C ILE C 228 6.23 15.02 -0.52
N SER C 229 6.79 15.28 -1.69
CA SER C 229 6.84 16.65 -2.22
C SER C 229 7.29 16.63 -3.67
N GLN C 230 7.26 17.80 -4.30
CA GLN C 230 7.67 17.95 -5.69
C GLN C 230 8.01 19.40 -6.00
N THR C 231 8.91 19.60 -6.96
CA THR C 231 9.31 20.95 -7.33
C THR D 27 -30.58 18.44 6.15
N VAL D 28 -31.25 17.49 5.52
CA VAL D 28 -30.67 16.67 4.45
C VAL D 28 -31.69 16.44 3.33
N ILE D 29 -32.02 17.50 2.61
CA ILE D 29 -32.95 17.45 1.49
C ILE D 29 -32.10 17.49 0.24
N ASN D 30 -32.25 16.49 -0.64
CA ASN D 30 -31.45 16.49 -1.85
C ASN D 30 -32.07 17.37 -2.93
N TYR D 31 -31.38 18.47 -3.24
CA TYR D 31 -31.86 19.42 -4.24
C TYR D 31 -31.67 18.91 -5.65
N TYR D 32 -30.73 17.98 -5.84
CA TYR D 32 -30.46 17.47 -7.17
C TYR D 32 -30.97 16.06 -7.43
N LYS D 33 -31.19 15.79 -8.71
CA LYS D 33 -31.72 14.53 -9.21
C LYS D 33 -30.76 13.33 -9.16
N ASP D 34 -29.48 13.57 -9.42
CA ASP D 34 -28.49 12.48 -9.44
C ASP D 34 -27.83 12.18 -8.10
N ALA D 35 -27.43 10.93 -7.92
CA ALA D 35 -26.79 10.52 -6.67
C ALA D 35 -25.44 11.18 -6.45
N ALA D 36 -24.69 11.37 -7.52
CA ALA D 36 -23.37 11.98 -7.42
C ALA D 36 -23.42 13.38 -6.79
N SER D 37 -24.58 14.02 -6.91
CA SER D 37 -24.76 15.38 -6.37
C SER D 37 -24.77 15.45 -4.86
N THR D 38 -25.27 14.40 -4.20
CA THR D 38 -25.36 14.37 -2.75
C THR D 38 -24.00 14.52 -2.08
N SER D 39 -24.00 14.97 -0.83
CA SER D 39 -22.76 15.17 -0.09
C SER D 39 -22.17 13.87 0.47
N SER D 40 -21.10 13.99 1.25
CA SER D 40 -20.41 12.83 1.82
C SER D 40 -21.27 11.83 2.57
N ALA D 41 -20.88 10.57 2.40
CA ALA D 41 -21.55 9.42 2.95
C ALA D 41 -21.70 9.22 4.46
N GLY D 42 -20.79 9.76 5.27
CA GLY D 42 -20.93 9.53 6.70
C GLY D 42 -20.24 8.24 7.08
N GLN D 43 -19.74 8.15 8.32
CA GLN D 43 -18.99 6.99 8.79
C GLN D 43 -19.51 5.59 8.50
N SER D 44 -18.66 4.80 7.86
CA SER D 44 -18.93 3.42 7.48
C SER D 44 -19.40 2.57 8.66
N LEU D 45 -18.74 2.74 9.80
CA LEU D 45 -19.10 2.01 11.00
C LEU D 45 -19.08 0.48 10.82
N SER D 46 -18.05 -0.01 10.12
CA SER D 46 -17.87 -1.44 9.91
C SER D 46 -16.64 -1.79 10.73
N MET D 47 -15.49 -1.25 10.36
CA MET D 47 -14.26 -1.44 11.13
C MET D 47 -13.77 -2.85 11.48
N ASP D 48 -13.58 -3.74 10.50
CA ASP D 48 -13.07 -5.08 10.82
C ASP D 48 -11.66 -5.28 10.27
N PRO D 49 -10.63 -5.11 11.12
CA PRO D 49 -9.24 -5.26 10.73
C PRO D 49 -8.73 -6.69 10.51
N SER D 50 -9.47 -7.67 11.01
CA SER D 50 -9.04 -9.06 10.90
C SER D 50 -8.72 -9.59 9.50
N LYS D 51 -9.35 -9.06 8.46
CA LYS D 51 -9.05 -9.57 7.13
C LYS D 51 -7.63 -9.19 6.72
N PHE D 52 -7.00 -8.31 7.50
CA PHE D 52 -5.64 -7.87 7.25
C PHE D 52 -4.70 -8.37 8.35
N THR D 53 -5.15 -8.30 9.60
CA THR D 53 -4.33 -8.74 10.71
C THR D 53 -4.33 -10.24 10.96
N GLU D 54 -5.39 -10.92 10.57
CA GLU D 54 -5.46 -12.36 10.80
C GLU D 54 -5.98 -13.18 9.62
N PRO D 55 -5.36 -13.03 8.44
CA PRO D 55 -5.77 -13.78 7.25
C PRO D 55 -5.19 -15.18 7.21
N VAL D 56 -5.21 -15.87 8.33
CA VAL D 56 -4.69 -17.24 8.40
C VAL D 56 -5.79 -18.26 8.17
N LYS D 57 -5.43 -19.43 7.67
CA LYS D 57 -6.41 -20.47 7.40
C LYS D 57 -6.94 -21.11 8.67
N ASP D 58 -6.05 -21.47 9.59
CA ASP D 58 -6.46 -22.09 10.84
C ASP D 58 -6.49 -21.02 11.92
N LEU D 59 -7.66 -20.85 12.53
CA LEU D 59 -7.85 -19.86 13.57
C LEU D 59 -6.80 -19.95 14.68
N MET D 60 -6.25 -18.80 15.07
CA MET D 60 -5.25 -18.76 16.12
C MET D 60 -5.82 -17.98 17.31
N LEU D 61 -5.96 -18.67 18.44
CA LEU D 61 -6.48 -18.04 19.65
C LEU D 61 -5.39 -17.37 20.46
N LYS D 62 -5.61 -16.11 20.84
CA LYS D 62 -4.65 -15.38 21.64
C LYS D 62 -4.43 -16.18 22.92
N GLY D 63 -3.17 -16.43 23.28
CA GLY D 63 -2.90 -17.19 24.48
C GLY D 63 -2.51 -18.63 24.22
N ALA D 64 -2.95 -19.16 23.09
CA ALA D 64 -2.63 -20.53 22.72
C ALA D 64 -1.36 -20.50 21.87
N PRO D 65 -0.60 -21.61 21.85
CA PRO D 65 0.64 -21.68 21.07
C PRO D 65 0.41 -21.29 19.61
N ALA D 66 1.15 -20.29 19.14
CA ALA D 66 1.02 -19.85 17.74
C ALA D 66 1.27 -21.04 16.83
N LEU D 67 2.31 -21.80 17.17
CA LEU D 67 2.69 -23.00 16.43
C LEU D 67 2.56 -24.14 17.42
N ASN D 68 1.50 -24.92 17.27
CA ASN D 68 1.22 -26.04 18.15
C ASN D 68 1.78 -27.36 17.62
#